data_1VZ3
#
_entry.id   1VZ3
#
_cell.length_a   71.400
_cell.length_b   100.500
_cell.length_c   111.800
_cell.angle_alpha   90.00
_cell.angle_beta   90.00
_cell.angle_gamma   90.00
#
_symmetry.space_group_name_H-M   'P 21 21 21'
#
loop_
_entity.id
_entity.type
_entity.pdbx_description
1 polymer 'PROLYL ENDOPEPTIDASE'
2 non-polymer GLYCEROL
3 water water
#
_entity_poly.entity_id   1
_entity_poly.type   'polypeptide(L)'
_entity_poly.pdbx_seq_one_letter_code
;MLSFQYPDVYRDETAIQDYHGHKVCDPYAWLEDPDSEQTKAFVEAQNKITVPFLEQCPIRGLYKERMTELYDYPKYSCHF
KKGKRYFYFYNTGLQNQRVLYVQDSLEGEARVFLDPNILSDDGTVALRGYAFSEDGEYFAYGLSASGSDWVTIKFMKVDG
AKELPDVLERVKFSCMAWTHDGKGMFYNAYPQQDGKSDGTETSTNLHQKLYYHVLGTDQSEDILCAEFPDEPKWMGGAEL
SDDGRYVLLSIREGCDPVNRLWYCDLQQESNGITGILKWVKLIDNFEGEYDYVTNEGTVFTFKTNRHSPNYRLINIDFTD
PEESKWKVLVPEHEKDVLEWVACVRSNFLVLCYLHDVKNTLQLHDLATGALLKIFPLEVGSVVGYSGQKKDTEIFYQFTS
FLSPGIIYHCDLTKEELEPRVFREVTVKGIDASDYQTVQIFYPSKDGTKIPMFIVHKKGIKLDGSHPAFLYGYGGFNISI
TPNYSVSRLIFVRHMGGVLAVANIRGGGEYGETWHKGGILANKQNCFDDFQCAAEYLIKEGYTSPKRLTINGGSNGGLLV
ATCANQRPDLFGCVIAQVGVMDMLKFHKYTIGHAWTCDYGCSDSKQHFEWLIKYSPLHNVKLPEADDIQYPSMLLLTADH
DDRVVPLHSLKFIATLQYIVGRSRKQNNPLLIHVDTKAGHGAGKPTAKVIEEVSDMFAFIARCLNIDWIP
;
_entity_poly.pdbx_strand_id   A
#
loop_
_chem_comp.id
_chem_comp.type
_chem_comp.name
_chem_comp.formula
GOL non-polymer GLYCEROL 'C3 H8 O3'
#
# COMPACT_ATOMS: atom_id res chain seq x y z
N MET A 1 10.94 -18.95 29.65
CA MET A 1 9.96 -19.31 28.58
C MET A 1 10.61 -20.12 27.46
N LEU A 2 11.79 -19.70 27.00
CA LEU A 2 12.38 -20.22 25.77
C LEU A 2 12.87 -21.67 25.86
N SER A 3 12.06 -22.57 25.32
CA SER A 3 12.33 -24.01 25.35
C SER A 3 12.71 -24.55 23.96
N PHE A 4 13.27 -23.68 23.13
CA PHE A 4 13.79 -24.07 21.81
C PHE A 4 15.21 -23.52 21.65
N GLN A 5 15.96 -24.08 20.69
CA GLN A 5 17.29 -23.54 20.34
C GLN A 5 17.23 -22.86 18.96
N TYR A 6 17.93 -21.76 18.77
CA TYR A 6 18.01 -21.14 17.44
C TYR A 6 18.84 -22.03 16.49
N PRO A 7 18.47 -22.04 15.21
CA PRO A 7 19.22 -22.83 14.19
C PRO A 7 20.67 -22.42 14.01
N ASP A 8 21.49 -23.40 13.65
CA ASP A 8 22.85 -23.15 13.16
C ASP A 8 22.74 -22.39 11.87
N VAL A 9 23.50 -21.30 11.77
CA VAL A 9 23.51 -20.49 10.55
C VAL A 9 24.94 -20.05 10.27
N TYR A 10 25.46 -20.55 9.15
CA TYR A 10 26.84 -20.27 8.78
C TYR A 10 27.10 -18.80 8.55
N ARG A 11 28.22 -18.32 9.11
CA ARG A 11 28.68 -16.94 8.89
C ARG A 11 29.83 -16.95 7.92
N ASP A 12 29.63 -16.35 6.74
CA ASP A 12 30.70 -16.17 5.78
C ASP A 12 31.51 -14.95 6.19
N GLU A 13 32.54 -15.19 6.99
CA GLU A 13 33.32 -14.07 7.52
C GLU A 13 34.25 -13.47 6.47
N THR A 14 34.26 -14.03 5.26
CA THR A 14 35.03 -13.39 4.18
C THR A 14 34.24 -12.33 3.39
N ALA A 15 32.94 -12.21 3.66
CA ALA A 15 32.06 -11.40 2.83
C ALA A 15 32.19 -9.96 3.29
N ILE A 16 32.99 -9.20 2.56
CA ILE A 16 33.31 -7.84 2.95
C ILE A 16 33.19 -6.98 1.70
N GLN A 17 32.55 -5.83 1.84
CA GLN A 17 32.45 -4.87 0.76
C GLN A 17 32.87 -3.50 1.27
N ASP A 18 33.54 -2.75 0.39
CA ASP A 18 33.96 -1.40 0.69
C ASP A 18 32.96 -0.42 0.11
N TYR A 19 32.41 0.43 0.97
CA TYR A 19 31.56 1.52 0.55
C TYR A 19 32.30 2.85 0.82
N HIS A 20 32.88 3.42 -0.23
CA HIS A 20 33.59 4.71 -0.17
C HIS A 20 34.63 4.71 0.96
N GLY A 21 35.32 3.58 1.10
CA GLY A 21 36.29 3.41 2.17
C GLY A 21 35.77 2.80 3.45
N HIS A 22 34.45 2.65 3.58
CA HIS A 22 33.89 2.07 4.79
C HIS A 22 33.70 0.61 4.51
N LYS A 23 34.37 -0.24 5.29
CA LYS A 23 34.22 -1.68 5.13
C LYS A 23 32.98 -2.20 5.84
N VAL A 24 32.19 -3.00 5.13
CA VAL A 24 30.99 -3.60 5.72
C VAL A 24 31.05 -5.13 5.55
N CYS A 25 30.91 -5.84 6.66
CA CYS A 25 30.87 -7.30 6.61
C CYS A 25 29.43 -7.73 6.46
N ASP A 26 29.20 -8.72 5.60
CA ASP A 26 27.86 -9.23 5.36
C ASP A 26 27.86 -10.78 5.43
N PRO A 27 28.00 -11.33 6.64
CA PRO A 27 28.22 -12.78 6.80
C PRO A 27 27.05 -13.66 6.34
N TYR A 28 25.87 -13.06 6.18
CA TYR A 28 24.71 -13.86 5.72
C TYR A 28 24.31 -13.51 4.30
N ALA A 29 25.26 -12.97 3.53
CA ALA A 29 24.98 -12.59 2.14
C ALA A 29 24.44 -13.76 1.32
N TRP A 30 24.85 -14.97 1.67
CA TRP A 30 24.38 -16.16 0.96
C TRP A 30 22.86 -16.35 1.02
N LEU A 31 22.20 -15.71 2.00
CA LEU A 31 20.74 -15.84 2.10
C LEU A 31 20.06 -15.03 0.98
N GLU A 32 20.86 -14.29 0.22
CA GLU A 32 20.32 -13.55 -0.94
C GLU A 32 19.89 -14.47 -2.08
N ASP A 33 20.35 -15.72 -2.07
CA ASP A 33 19.95 -16.69 -3.09
C ASP A 33 18.78 -17.54 -2.60
N PRO A 34 17.57 -17.29 -3.08
CA PRO A 34 16.39 -17.99 -2.57
C PRO A 34 16.39 -19.45 -2.97
N ASP A 35 17.16 -19.80 -4.00
CA ASP A 35 17.07 -21.14 -4.61
C ASP A 35 18.03 -22.18 -4.04
N SER A 36 18.95 -21.73 -3.19
CA SER A 36 20.00 -22.64 -2.75
C SER A 36 19.49 -23.61 -1.68
N GLU A 37 20.13 -24.77 -1.58
CA GLU A 37 19.77 -25.71 -0.50
C GLU A 37 20.00 -25.09 0.88
N GLN A 38 21.03 -24.26 0.99
CA GLN A 38 21.38 -23.58 2.24
C GLN A 38 20.25 -22.66 2.68
N THR A 39 19.74 -21.84 1.75
CA THR A 39 18.67 -20.87 2.10
C THR A 39 17.37 -21.64 2.39
N LYS A 40 17.07 -22.64 1.58
CA LYS A 40 15.87 -23.43 1.84
C LYS A 40 15.94 -24.09 3.22
N ALA A 41 17.12 -24.62 3.59
CA ALA A 41 17.24 -25.25 4.91
C ALA A 41 17.11 -24.24 6.03
N PHE A 42 17.61 -23.03 5.79
CA PHE A 42 17.48 -21.96 6.77
C PHE A 42 16.02 -21.67 7.03
N VAL A 43 15.24 -21.50 5.96
CA VAL A 43 13.83 -21.14 6.10
C VAL A 43 13.11 -22.26 6.86
N GLU A 44 13.40 -23.50 6.49
CA GLU A 44 12.79 -24.65 7.14
C GLU A 44 13.07 -24.67 8.64
N ALA A 45 14.34 -24.45 8.99
CA ALA A 45 14.75 -24.49 10.40
C ALA A 45 14.12 -23.39 11.23
N GLN A 46 13.95 -22.21 10.62
CA GLN A 46 13.37 -21.08 11.33
C GLN A 46 11.89 -21.33 11.55
N ASN A 47 11.18 -21.76 10.50
CA ASN A 47 9.76 -22.05 10.65
C ASN A 47 9.53 -23.17 11.68
N LYS A 48 10.48 -24.10 11.78
CA LYS A 48 10.35 -25.26 12.71
C LYS A 48 10.29 -24.80 14.17
N ILE A 49 10.94 -23.68 14.51
CA ILE A 49 10.85 -23.18 15.90
C ILE A 49 9.72 -22.17 16.08
N THR A 50 9.45 -21.38 15.03
CA THR A 50 8.41 -20.35 15.14
C THR A 50 7.01 -20.89 15.28
N VAL A 51 6.67 -21.90 14.48
CA VAL A 51 5.30 -22.37 14.45
C VAL A 51 4.83 -22.96 15.80
N PRO A 52 5.58 -23.88 16.43
CA PRO A 52 5.18 -24.38 17.74
C PRO A 52 5.08 -23.26 18.77
N PHE A 53 5.94 -22.24 18.67
CA PHE A 53 5.86 -21.14 19.63
C PHE A 53 4.53 -20.42 19.50
N LEU A 54 4.12 -20.18 18.26
CA LEU A 54 2.88 -19.45 17.99
C LEU A 54 1.64 -20.29 18.30
N GLU A 55 1.73 -21.60 18.11
CA GLU A 55 0.52 -22.44 18.19
C GLU A 55 0.30 -23.07 19.56
N GLN A 56 1.35 -23.07 20.38
CA GLN A 56 1.42 -23.80 21.65
C GLN A 56 0.33 -23.43 22.64
N CYS A 57 0.08 -22.13 22.76
CA CYS A 57 -0.80 -21.61 23.80
C CYS A 57 -2.25 -21.50 23.30
N PRO A 58 -3.20 -21.81 24.18
CA PRO A 58 -4.62 -21.80 23.82
C PRO A 58 -5.13 -20.47 23.30
N ILE A 59 -4.42 -19.38 23.59
CA ILE A 59 -4.92 -18.08 23.19
C ILE A 59 -4.95 -17.91 21.67
N ARG A 60 -4.06 -18.57 20.93
CA ARG A 60 -4.14 -18.46 19.46
C ARG A 60 -5.47 -18.97 18.93
N GLY A 61 -5.89 -20.13 19.44
CA GLY A 61 -7.17 -20.68 19.02
C GLY A 61 -8.36 -19.82 19.44
N LEU A 62 -8.29 -19.24 20.64
CA LEU A 62 -9.34 -18.33 21.10
C LEU A 62 -9.44 -17.11 20.17
N TYR A 63 -8.28 -16.56 19.83
CA TYR A 63 -8.22 -15.40 18.94
C TYR A 63 -8.77 -15.77 17.55
N LYS A 64 -8.26 -16.87 17.01
CA LYS A 64 -8.66 -17.33 15.67
C LYS A 64 -10.15 -17.58 15.59
N GLU A 65 -10.71 -18.23 16.61
CA GLU A 65 -12.16 -18.48 16.61
C GLU A 65 -12.93 -17.16 16.59
N ARG A 66 -12.45 -16.18 17.36
CA ARG A 66 -13.16 -14.94 17.47
C ARG A 66 -13.02 -14.14 16.18
N MET A 67 -11.83 -14.21 15.57
CA MET A 67 -11.59 -13.53 14.30
C MET A 67 -12.47 -14.13 13.21
N THR A 68 -12.59 -15.45 13.21
CA THR A 68 -13.40 -16.14 12.22
C THR A 68 -14.87 -15.75 12.34
N GLU A 69 -15.38 -15.62 13.58
CA GLU A 69 -16.76 -15.18 13.83
C GLU A 69 -16.98 -13.73 13.41
N LEU A 70 -16.11 -12.85 13.92
CA LEU A 70 -16.32 -11.41 13.78
C LEU A 70 -16.02 -10.89 12.37
N TYR A 71 -15.06 -11.51 11.69
CA TYR A 71 -14.69 -11.11 10.33
C TYR A 71 -15.71 -11.60 9.32
N ASP A 72 -16.58 -12.51 9.76
CA ASP A 72 -17.60 -13.07 8.90
C ASP A 72 -18.78 -12.11 8.86
N TYR A 73 -18.60 -11.04 8.09
CA TYR A 73 -19.69 -10.11 7.78
C TYR A 73 -19.65 -9.76 6.29
N PRO A 74 -20.79 -9.38 5.74
CA PRO A 74 -20.87 -9.08 4.31
C PRO A 74 -20.06 -7.86 3.96
N LYS A 75 -19.20 -7.98 2.95
CA LYS A 75 -18.28 -6.90 2.58
C LYS A 75 -18.51 -6.44 1.14
N TYR A 76 -19.03 -5.23 0.97
CA TYR A 76 -19.37 -4.69 -0.33
C TYR A 76 -18.39 -3.58 -0.71
N SER A 77 -18.06 -3.46 -2.01
CA SER A 77 -17.50 -2.23 -2.62
C SER A 77 -18.62 -1.31 -3.16
N CYS A 78 -18.28 -0.08 -3.49
CA CYS A 78 -19.19 0.81 -4.25
C CYS A 78 -19.63 0.17 -5.53
N HIS A 79 -20.88 0.42 -5.93
CA HIS A 79 -21.31 0.16 -7.29
C HIS A 79 -20.52 1.10 -8.22
N PHE A 80 -20.23 0.62 -9.42
CA PHE A 80 -19.82 1.50 -10.50
C PHE A 80 -20.52 1.07 -11.77
N LYS A 81 -20.75 2.03 -12.66
CA LYS A 81 -21.45 1.75 -13.90
C LYS A 81 -20.45 1.69 -15.03
N LYS A 82 -20.62 0.71 -15.93
CA LYS A 82 -19.83 0.66 -17.16
C LYS A 82 -20.77 0.31 -18.29
N GLY A 83 -20.85 1.19 -19.28
CA GLY A 83 -21.87 1.08 -20.33
C GLY A 83 -23.24 1.01 -19.71
N LYS A 84 -24.01 0.02 -20.11
CA LYS A 84 -25.38 -0.11 -19.66
C LYS A 84 -25.55 -0.92 -18.36
N ARG A 85 -24.45 -1.34 -17.72
CA ARG A 85 -24.55 -2.25 -16.56
C ARG A 85 -23.90 -1.69 -15.31
N TYR A 86 -24.32 -2.19 -14.15
CA TYR A 86 -23.63 -1.86 -12.89
C TYR A 86 -22.84 -3.04 -12.37
N PHE A 87 -21.73 -2.74 -11.71
CA PHE A 87 -20.85 -3.74 -11.13
C PHE A 87 -20.56 -3.41 -9.69
N TYR A 88 -20.26 -4.43 -8.91
CA TYR A 88 -19.71 -4.20 -7.58
C TYR A 88 -18.99 -5.45 -7.13
N PHE A 89 -18.06 -5.28 -6.18
CA PHE A 89 -17.41 -6.42 -5.53
C PHE A 89 -18.11 -6.74 -4.21
N TYR A 90 -18.16 -8.03 -3.88
CA TYR A 90 -18.87 -8.46 -2.69
C TYR A 90 -18.25 -9.76 -2.20
N ASN A 91 -18.01 -9.83 -0.89
CA ASN A 91 -17.58 -11.07 -0.24
C ASN A 91 -18.68 -11.40 0.77
N THR A 92 -19.25 -12.61 0.68
CA THR A 92 -20.31 -12.99 1.60
C THR A 92 -19.86 -12.96 3.05
N GLY A 93 -18.55 -13.08 3.27
CA GLY A 93 -17.98 -12.93 4.61
C GLY A 93 -16.61 -13.58 4.73
N LEU A 94 -16.52 -14.86 4.39
CA LEU A 94 -15.28 -15.59 4.56
C LEU A 94 -14.74 -16.21 3.27
N GLN A 95 -15.25 -15.76 2.13
CA GLN A 95 -14.68 -16.22 0.86
C GLN A 95 -13.22 -15.77 0.79
N ASN A 96 -12.37 -16.59 0.17
CA ASN A 96 -10.93 -16.19 0.11
C ASN A 96 -10.72 -14.91 -0.66
N GLN A 97 -11.49 -14.74 -1.73
CA GLN A 97 -11.37 -13.57 -2.61
C GLN A 97 -12.75 -12.99 -2.82
N ARG A 98 -12.83 -11.66 -2.85
CA ARG A 98 -14.13 -11.05 -3.18
C ARG A 98 -14.50 -11.34 -4.63
N VAL A 99 -15.81 -11.33 -4.88
CA VAL A 99 -16.34 -11.65 -6.18
C VAL A 99 -16.93 -10.41 -6.87
N LEU A 100 -16.75 -10.34 -8.19
CA LEU A 100 -17.25 -9.23 -8.98
C LEU A 100 -18.62 -9.63 -9.52
N TYR A 101 -19.64 -8.83 -9.20
CA TYR A 101 -21.03 -9.04 -9.65
C TYR A 101 -21.40 -8.01 -10.68
N VAL A 102 -22.40 -8.37 -11.50
CA VAL A 102 -22.98 -7.49 -12.48
C VAL A 102 -24.51 -7.49 -12.37
N GLN A 103 -25.09 -6.31 -12.62
CA GLN A 103 -26.56 -6.20 -12.78
C GLN A 103 -26.92 -5.29 -13.92
N ASP A 104 -28.09 -5.48 -14.51
CA ASP A 104 -28.42 -4.70 -15.70
C ASP A 104 -29.07 -3.36 -15.36
N SER A 105 -29.36 -3.16 -14.08
CA SER A 105 -29.92 -1.93 -13.54
C SER A 105 -29.75 -1.94 -12.04
N LEU A 106 -29.88 -0.77 -11.41
CA LEU A 106 -29.78 -0.67 -9.94
C LEU A 106 -30.90 -1.46 -9.25
N GLU A 107 -32.04 -1.62 -9.93
CA GLU A 107 -33.17 -2.39 -9.41
C GLU A 107 -32.89 -3.88 -9.59
N GLY A 108 -32.07 -4.19 -10.60
CA GLY A 108 -31.96 -5.53 -11.15
C GLY A 108 -31.30 -6.58 -10.28
N GLU A 109 -31.58 -7.83 -10.62
CA GLU A 109 -31.00 -8.97 -9.94
C GLU A 109 -29.52 -9.06 -10.33
N ALA A 110 -28.68 -9.28 -9.34
CA ALA A 110 -27.24 -9.40 -9.61
C ALA A 110 -26.85 -10.83 -9.96
N ARG A 111 -25.81 -10.97 -10.76
CA ARG A 111 -25.23 -12.28 -11.03
C ARG A 111 -23.71 -12.24 -10.94
N VAL A 112 -23.11 -13.40 -10.73
CA VAL A 112 -21.66 -13.48 -10.68
C VAL A 112 -21.09 -13.13 -12.06
N PHE A 113 -20.10 -12.23 -12.07
CA PHE A 113 -19.39 -11.89 -13.30
C PHE A 113 -17.98 -12.47 -13.31
N LEU A 114 -17.23 -12.27 -12.22
CA LEU A 114 -15.89 -12.87 -12.11
C LEU A 114 -15.65 -13.33 -10.68
N ASP A 115 -15.49 -14.64 -10.51
CA ASP A 115 -15.26 -15.24 -9.20
C ASP A 115 -13.86 -15.86 -9.12
N PRO A 116 -12.89 -15.15 -8.55
CA PRO A 116 -11.52 -15.68 -8.49
C PRO A 116 -11.38 -16.93 -7.62
N ASN A 117 -12.38 -17.23 -6.80
CA ASN A 117 -12.24 -18.38 -5.89
C ASN A 117 -12.18 -19.68 -6.65
N ILE A 118 -12.79 -19.72 -7.82
CA ILE A 118 -12.73 -21.01 -8.54
C ILE A 118 -11.43 -21.24 -9.30
N LEU A 119 -10.53 -20.25 -9.24
CA LEU A 119 -9.22 -20.34 -9.91
C LEU A 119 -8.14 -21.02 -9.08
N SER A 120 -8.37 -21.21 -7.78
CA SER A 120 -7.41 -21.89 -6.95
C SER A 120 -8.12 -22.15 -5.67
N ASP A 121 -7.91 -23.33 -5.14
CA ASP A 121 -8.59 -23.73 -3.92
C ASP A 121 -8.14 -23.01 -2.68
N ASP A 122 -6.89 -22.60 -2.65
CA ASP A 122 -6.42 -21.91 -1.46
C ASP A 122 -6.60 -20.42 -1.63
N GLY A 123 -7.23 -20.00 -2.71
CA GLY A 123 -7.47 -18.58 -2.94
C GLY A 123 -6.22 -17.76 -3.23
N THR A 124 -5.15 -18.39 -3.71
CA THR A 124 -3.92 -17.64 -3.99
C THR A 124 -3.78 -17.11 -5.41
N VAL A 125 -4.86 -17.16 -6.19
CA VAL A 125 -4.91 -16.42 -7.46
C VAL A 125 -5.88 -15.26 -7.24
N ALA A 126 -5.40 -14.05 -7.49
CA ALA A 126 -6.16 -12.85 -7.20
C ALA A 126 -6.21 -11.89 -8.36
N LEU A 127 -7.30 -11.14 -8.42
CA LEU A 127 -7.40 -10.03 -9.34
C LEU A 127 -6.38 -8.97 -8.98
N ARG A 128 -5.70 -8.46 -10.00
CA ARG A 128 -4.76 -7.37 -9.83
C ARG A 128 -4.88 -6.42 -11.03
N GLY A 129 -5.79 -5.46 -10.91
CA GLY A 129 -6.04 -4.46 -11.96
C GLY A 129 -7.09 -4.95 -12.95
N TYR A 130 -7.82 -4.01 -13.50
CA TYR A 130 -8.79 -4.32 -14.56
C TYR A 130 -9.14 -3.06 -15.31
N ALA A 131 -9.69 -3.25 -16.52
CA ALA A 131 -10.14 -2.11 -17.29
C ALA A 131 -11.24 -2.55 -18.22
N PHE A 132 -12.32 -1.78 -18.20
CA PHE A 132 -13.43 -1.98 -19.15
C PHE A 132 -13.21 -1.14 -20.40
N SER A 133 -13.65 -1.66 -21.54
CA SER A 133 -13.72 -0.83 -22.74
C SER A 133 -14.65 0.36 -22.49
N GLU A 134 -14.47 1.42 -23.28
CA GLU A 134 -15.26 2.63 -23.10
C GLU A 134 -16.77 2.36 -23.16
N ASP A 135 -17.20 1.43 -24.02
CA ASP A 135 -18.63 1.12 -24.12
C ASP A 135 -19.12 0.10 -23.10
N GLY A 136 -18.19 -0.40 -22.26
CA GLY A 136 -18.54 -1.34 -21.21
C GLY A 136 -18.79 -2.75 -21.69
N GLU A 137 -18.50 -3.03 -22.96
CA GLU A 137 -18.85 -4.36 -23.51
C GLU A 137 -17.73 -5.40 -23.43
N TYR A 138 -16.53 -4.94 -23.21
CA TYR A 138 -15.36 -5.80 -23.09
C TYR A 138 -14.61 -5.47 -21.82
N PHE A 139 -13.84 -6.44 -21.34
CA PHE A 139 -13.24 -6.34 -20.00
C PHE A 139 -11.90 -7.02 -19.99
N ALA A 140 -10.88 -6.33 -19.50
CA ALA A 140 -9.53 -6.90 -19.34
C ALA A 140 -9.25 -6.95 -17.84
N TYR A 141 -8.59 -8.02 -17.39
CA TYR A 141 -8.28 -8.07 -15.94
C TYR A 141 -6.97 -8.77 -15.73
N GLY A 142 -6.23 -8.32 -14.71
CA GLY A 142 -4.98 -8.98 -14.37
C GLY A 142 -5.19 -10.04 -13.30
N LEU A 143 -4.44 -11.12 -13.43
CA LEU A 143 -4.37 -12.12 -12.36
C LEU A 143 -2.94 -12.28 -11.86
N SER A 144 -2.79 -12.26 -10.54
CA SER A 144 -1.49 -12.58 -9.92
C SER A 144 -1.62 -13.90 -9.15
N ALA A 145 -0.56 -14.71 -9.21
CA ALA A 145 -0.53 -15.95 -8.45
C ALA A 145 0.45 -15.86 -7.27
N SER A 146 -0.01 -16.38 -6.14
CA SER A 146 0.81 -16.51 -4.92
C SER A 146 1.31 -15.16 -4.41
N GLY A 147 0.56 -14.11 -4.70
CA GLY A 147 0.89 -12.78 -4.17
C GLY A 147 1.97 -12.03 -4.90
N SER A 148 2.51 -12.61 -5.99
CA SER A 148 3.50 -11.94 -6.82
C SER A 148 2.98 -10.68 -7.50
N ASP A 149 3.85 -9.70 -7.71
CA ASP A 149 3.50 -8.53 -8.52
C ASP A 149 3.33 -8.86 -10.00
N TRP A 150 3.87 -10.00 -10.47
CA TRP A 150 3.69 -10.36 -11.88
C TRP A 150 2.20 -10.57 -12.17
N VAL A 151 1.78 -10.15 -13.36
CA VAL A 151 0.39 -10.22 -13.79
C VAL A 151 0.28 -10.92 -15.13
N THR A 152 -0.79 -11.71 -15.29
CA THR A 152 -1.23 -12.18 -16.62
C THR A 152 -2.53 -11.44 -16.90
N ILE A 153 -2.64 -10.77 -18.05
CA ILE A 153 -3.92 -10.08 -18.40
C ILE A 153 -4.75 -11.01 -19.26
N LYS A 154 -6.01 -11.16 -18.85
CA LYS A 154 -6.98 -11.94 -19.61
C LYS A 154 -8.17 -11.07 -19.98
N PHE A 155 -9.02 -11.59 -20.87
CA PHE A 155 -10.11 -10.77 -21.44
C PHE A 155 -11.43 -11.49 -21.44
N MET A 156 -12.53 -10.74 -21.32
CA MET A 156 -13.90 -11.30 -21.42
C MET A 156 -14.79 -10.39 -22.22
N LYS A 157 -15.76 -10.98 -22.90
CA LYS A 157 -16.88 -10.21 -23.43
C LYS A 157 -17.90 -10.10 -22.30
N VAL A 158 -18.35 -8.89 -22.00
CA VAL A 158 -19.20 -8.68 -20.82
C VAL A 158 -20.55 -9.40 -20.93
N ASP A 159 -21.21 -9.26 -22.08
CA ASP A 159 -22.50 -9.91 -22.29
C ASP A 159 -22.29 -11.42 -22.33
N GLY A 160 -22.85 -12.12 -21.34
CA GLY A 160 -22.66 -13.56 -21.22
C GLY A 160 -21.39 -13.96 -20.48
N ALA A 161 -20.63 -12.98 -20.02
CA ALA A 161 -19.37 -13.24 -19.31
C ALA A 161 -18.51 -14.29 -20.03
N LYS A 162 -18.26 -14.04 -21.32
CA LYS A 162 -17.55 -15.03 -22.17
C LYS A 162 -16.04 -14.86 -22.13
N GLU A 163 -15.33 -15.94 -21.85
CA GLU A 163 -13.87 -15.92 -21.90
C GLU A 163 -13.39 -15.72 -23.35
N LEU A 164 -12.41 -14.85 -23.53
CA LEU A 164 -11.77 -14.65 -24.83
C LEU A 164 -10.37 -15.26 -24.80
N PRO A 165 -9.79 -15.53 -25.97
CA PRO A 165 -8.51 -16.24 -25.99
C PRO A 165 -7.30 -15.36 -25.63
N ASP A 166 -7.45 -14.03 -25.67
CA ASP A 166 -6.31 -13.12 -25.55
C ASP A 166 -5.64 -13.26 -24.19
N VAL A 167 -4.31 -13.39 -24.19
CA VAL A 167 -3.58 -13.48 -22.92
C VAL A 167 -2.28 -12.69 -23.07
N LEU A 168 -2.02 -11.80 -22.12
CA LEU A 168 -0.80 -10.99 -22.11
C LEU A 168 0.07 -11.37 -20.93
N GLU A 169 1.34 -11.70 -21.23
CA GLU A 169 2.32 -12.07 -20.20
C GLU A 169 3.41 -11.01 -20.04
N ARG A 170 4.20 -11.17 -18.96
CA ARG A 170 5.33 -10.29 -18.62
C ARG A 170 4.86 -8.90 -18.18
N VAL A 171 3.64 -8.83 -17.66
CA VAL A 171 3.04 -7.58 -17.20
C VAL A 171 3.35 -7.36 -15.73
N LYS A 172 3.85 -6.18 -15.38
CA LYS A 172 4.07 -5.80 -14.00
C LYS A 172 4.01 -4.27 -13.92
N PHE A 173 3.46 -3.76 -12.82
CA PHE A 173 3.34 -2.32 -12.61
C PHE A 173 2.74 -1.61 -13.82
N SER A 174 1.64 -2.21 -14.28
CA SER A 174 1.01 -1.82 -15.55
C SER A 174 -0.28 -1.03 -15.39
N CYS A 175 -0.46 -0.04 -16.26
CA CYS A 175 -1.76 0.60 -16.39
C CYS A 175 -2.50 -0.21 -17.45
N MET A 176 -3.82 -0.05 -17.55
CA MET A 176 -4.55 -0.69 -18.63
C MET A 176 -5.52 0.36 -19.15
N ALA A 177 -5.53 0.60 -20.47
CA ALA A 177 -6.41 1.65 -20.98
C ALA A 177 -6.85 1.35 -22.40
N TRP A 178 -8.17 1.16 -22.57
CA TRP A 178 -8.67 0.90 -23.92
C TRP A 178 -8.80 2.16 -24.77
N THR A 179 -8.46 2.08 -26.05
CA THR A 179 -8.83 3.19 -26.95
C THR A 179 -10.34 3.18 -27.12
N HIS A 180 -10.93 4.36 -27.35
CA HIS A 180 -12.38 4.46 -27.38
C HIS A 180 -13.02 3.89 -28.65
N ASP A 181 -12.20 3.52 -29.64
CA ASP A 181 -12.71 2.83 -30.83
C ASP A 181 -12.96 1.36 -30.50
N GLY A 182 -12.58 0.92 -29.30
CA GLY A 182 -12.79 -0.48 -28.89
C GLY A 182 -11.87 -1.49 -29.57
N LYS A 183 -10.86 -1.01 -30.27
CA LYS A 183 -9.96 -1.91 -31.04
C LYS A 183 -8.97 -2.68 -30.16
N GLY A 184 -8.55 -2.05 -29.08
CA GLY A 184 -7.45 -2.60 -28.32
C GLY A 184 -7.13 -1.78 -27.10
N MET A 185 -6.05 -2.18 -26.43
CA MET A 185 -5.81 -1.68 -25.06
C MET A 185 -4.31 -1.50 -24.83
N PHE A 186 -3.94 -0.33 -24.28
CA PHE A 186 -2.56 -0.10 -23.85
C PHE A 186 -2.26 -0.82 -22.56
N TYR A 187 -1.03 -1.27 -22.41
CA TYR A 187 -0.57 -1.92 -21.18
C TYR A 187 0.96 -1.88 -21.17
N ASN A 188 1.56 -2.19 -20.01
CA ASN A 188 3.02 -2.23 -19.91
C ASN A 188 3.54 -3.64 -19.74
N ALA A 189 4.73 -3.89 -20.28
CA ALA A 189 5.38 -5.19 -20.05
C ALA A 189 6.88 -5.03 -20.01
N TYR A 190 7.54 -6.03 -19.42
CA TYR A 190 9.01 -6.09 -19.34
C TYR A 190 9.57 -7.09 -20.36
N PRO A 191 10.81 -6.90 -20.78
CA PRO A 191 11.43 -7.85 -21.70
C PRO A 191 11.65 -9.20 -21.04
N GLN A 192 11.75 -10.23 -21.86
CA GLN A 192 12.14 -11.56 -21.39
C GLN A 192 13.43 -11.51 -20.59
N GLN A 193 13.49 -12.31 -19.54
CA GLN A 193 14.66 -12.36 -18.68
C GLN A 193 14.98 -13.80 -18.36
N ASP A 194 16.27 -14.06 -18.13
CA ASP A 194 16.73 -15.39 -17.74
C ASP A 194 16.19 -15.71 -16.35
N GLY A 195 16.05 -17.00 -16.06
CA GLY A 195 15.60 -17.44 -14.75
C GLY A 195 14.10 -17.31 -14.60
N LYS A 196 13.64 -17.32 -13.37
CA LYS A 196 12.22 -17.37 -13.06
C LYS A 196 11.61 -15.98 -13.13
N SER A 197 10.32 -15.94 -13.43
CA SER A 197 9.50 -14.73 -13.29
C SER A 197 8.19 -15.12 -12.61
N ASP A 198 8.30 -15.62 -11.38
CA ASP A 198 7.10 -16.06 -10.66
C ASP A 198 6.96 -15.42 -9.28
N GLY A 199 7.86 -14.51 -8.94
CA GLY A 199 7.80 -13.88 -7.62
C GLY A 199 8.83 -14.40 -6.65
N THR A 200 9.48 -15.52 -6.99
CA THR A 200 10.53 -16.04 -6.10
C THR A 200 11.94 -15.57 -6.49
N GLU A 201 12.08 -14.97 -7.67
CA GLU A 201 13.35 -14.40 -8.15
C GLU A 201 13.62 -13.03 -7.51
N THR A 202 14.87 -12.58 -7.58
CA THR A 202 15.24 -11.26 -7.04
C THR A 202 15.66 -10.32 -8.16
N SER A 203 15.58 -10.77 -9.42
CA SER A 203 16.08 -10.01 -10.56
C SER A 203 15.45 -8.61 -10.65
N THR A 204 16.29 -7.61 -10.88
CA THR A 204 15.84 -6.21 -11.01
C THR A 204 15.00 -6.02 -12.27
N ASN A 205 13.98 -5.16 -12.16
CA ASN A 205 13.01 -4.95 -13.23
C ASN A 205 13.30 -3.61 -13.91
N LEU A 206 13.77 -3.67 -15.15
CA LEU A 206 14.20 -2.49 -15.92
C LEU A 206 13.64 -2.57 -17.33
N HIS A 207 13.66 -1.44 -18.02
CA HIS A 207 13.26 -1.35 -19.44
C HIS A 207 11.79 -1.70 -19.67
N GLN A 208 10.91 -1.30 -18.73
CA GLN A 208 9.47 -1.43 -18.97
C GLN A 208 9.06 -0.64 -20.22
N LYS A 209 8.21 -1.23 -21.07
CA LYS A 209 7.76 -0.51 -22.27
C LYS A 209 6.24 -0.42 -22.30
N LEU A 210 5.75 0.43 -23.22
CA LEU A 210 4.31 0.63 -23.44
C LEU A 210 3.94 -0.07 -24.73
N TYR A 211 2.98 -1.00 -24.63
CA TYR A 211 2.49 -1.72 -25.80
C TYR A 211 1.01 -1.45 -26.03
N TYR A 212 0.58 -1.73 -27.24
CA TYR A 212 -0.84 -1.73 -27.57
C TYR A 212 -1.25 -3.10 -28.11
N HIS A 213 -2.21 -3.71 -27.43
CA HIS A 213 -2.76 -5.01 -27.84
C HIS A 213 -4.06 -4.87 -28.58
N VAL A 214 -4.09 -5.35 -29.83
CA VAL A 214 -5.33 -5.37 -30.62
C VAL A 214 -6.14 -6.60 -30.20
N LEU A 215 -7.38 -6.41 -29.78
CA LEU A 215 -8.20 -7.54 -29.35
C LEU A 215 -8.37 -8.52 -30.51
N GLY A 216 -8.17 -9.80 -30.21
CA GLY A 216 -8.35 -10.85 -31.23
C GLY A 216 -7.05 -11.27 -31.92
N THR A 217 -5.93 -10.82 -31.37
CA THR A 217 -4.60 -11.13 -31.90
C THR A 217 -3.70 -11.75 -30.85
N ASP A 218 -2.55 -12.28 -31.28
CA ASP A 218 -1.55 -12.79 -30.35
C ASP A 218 -0.71 -11.66 -29.77
N GLN A 219 -0.24 -11.82 -28.54
CA GLN A 219 0.62 -10.82 -27.93
C GLN A 219 1.86 -10.52 -28.78
N SER A 220 2.35 -11.53 -29.53
CA SER A 220 3.51 -11.31 -30.40
C SER A 220 3.31 -10.19 -31.44
N GLU A 221 2.05 -9.90 -31.78
CA GLU A 221 1.70 -8.86 -32.76
C GLU A 221 1.59 -7.45 -32.15
N ASP A 222 1.72 -7.34 -30.83
CA ASP A 222 1.46 -6.05 -30.16
C ASP A 222 2.39 -4.92 -30.62
N ILE A 223 1.87 -3.70 -30.64
CA ILE A 223 2.60 -2.54 -31.15
C ILE A 223 3.38 -1.91 -30.01
N LEU A 224 4.67 -1.65 -30.22
CA LEU A 224 5.48 -0.89 -29.26
C LEU A 224 5.22 0.58 -29.50
N CYS A 225 4.67 1.26 -28.48
CA CYS A 225 4.28 2.67 -28.61
C CYS A 225 5.20 3.66 -27.91
N ALA A 226 5.90 3.20 -26.86
CA ALA A 226 6.90 4.04 -26.18
C ALA A 226 7.93 3.17 -25.48
N GLU A 227 9.19 3.60 -25.52
CA GLU A 227 10.26 2.91 -24.79
C GLU A 227 11.32 3.94 -24.48
N PHE A 228 12.15 3.64 -23.47
CA PHE A 228 13.14 4.61 -22.99
C PHE A 228 14.49 3.89 -22.81
N PRO A 229 15.11 3.54 -23.93
CA PRO A 229 16.28 2.66 -23.89
C PRO A 229 17.45 3.25 -23.11
N ASP A 230 17.54 4.57 -23.07
CA ASP A 230 18.62 5.25 -22.35
C ASP A 230 18.30 5.56 -20.88
N GLU A 231 17.10 5.17 -20.45
CA GLU A 231 16.60 5.46 -19.09
C GLU A 231 15.87 4.22 -18.57
N PRO A 232 16.65 3.20 -18.20
CA PRO A 232 16.07 1.89 -17.88
C PRO A 232 15.09 1.88 -16.69
N LYS A 233 15.11 2.92 -15.84
CA LYS A 233 14.18 2.98 -14.68
C LYS A 233 12.85 3.68 -14.99
N TRP A 234 12.77 4.33 -16.15
CA TRP A 234 11.52 5.05 -16.47
C TRP A 234 10.38 4.06 -16.72
N MET A 235 9.20 4.48 -16.30
CA MET A 235 7.98 3.71 -16.50
C MET A 235 6.93 4.65 -17.05
N GLY A 236 6.40 4.33 -18.23
CA GLY A 236 5.39 5.17 -18.87
C GLY A 236 4.01 4.58 -18.83
N GLY A 237 3.12 5.18 -18.03
CA GLY A 237 1.71 4.71 -17.91
C GLY A 237 0.78 5.49 -18.82
N ALA A 238 -0.04 4.79 -19.59
CA ALA A 238 -0.96 5.44 -20.54
C ALA A 238 -2.39 5.45 -20.05
N GLU A 239 -3.09 6.54 -20.36
CA GLU A 239 -4.54 6.61 -20.16
C GLU A 239 -5.12 7.37 -21.34
N LEU A 240 -6.41 7.16 -21.61
CA LEU A 240 -7.08 7.98 -22.64
C LEU A 240 -7.79 9.15 -22.00
N SER A 241 -7.75 10.31 -22.67
CA SER A 241 -8.61 11.42 -22.27
C SER A 241 -10.09 11.02 -22.31
N ASP A 242 -10.93 11.74 -21.56
CA ASP A 242 -12.35 11.41 -21.46
C ASP A 242 -13.08 11.40 -22.80
N ASP A 243 -12.61 12.21 -23.74
CA ASP A 243 -13.21 12.26 -25.08
C ASP A 243 -12.58 11.26 -26.07
N GLY A 244 -11.59 10.50 -25.60
CA GLY A 244 -10.95 9.48 -26.42
C GLY A 244 -9.95 10.01 -27.41
N ARG A 245 -9.73 11.33 -27.41
CA ARG A 245 -8.90 11.89 -28.47
C ARG A 245 -7.40 11.79 -28.23
N TYR A 246 -7.00 11.78 -26.96
CA TYR A 246 -5.58 11.86 -26.63
C TYR A 246 -5.16 10.72 -25.74
N VAL A 247 -4.00 10.14 -26.07
CA VAL A 247 -3.31 9.26 -25.14
C VAL A 247 -2.43 10.13 -24.26
N LEU A 248 -2.56 10.02 -22.95
CA LEU A 248 -1.71 10.79 -22.02
C LEU A 248 -0.74 9.82 -21.40
N LEU A 249 0.54 10.12 -21.53
CA LEU A 249 1.60 9.26 -21.02
C LEU A 249 2.25 9.91 -19.80
N SER A 250 2.14 9.26 -18.63
CA SER A 250 2.75 9.79 -17.42
C SER A 250 4.00 8.97 -17.17
N ILE A 251 5.16 9.60 -17.26
CA ILE A 251 6.42 8.88 -17.11
C ILE A 251 6.95 9.13 -15.74
N ARG A 252 7.25 8.04 -15.02
CA ARG A 252 7.79 8.16 -13.68
C ARG A 252 9.13 7.45 -13.60
N GLU A 253 9.98 7.95 -12.71
CA GLU A 253 11.26 7.32 -12.42
C GLU A 253 11.36 7.28 -10.90
N GLY A 254 10.98 6.15 -10.34
CA GLY A 254 11.00 6.00 -8.89
C GLY A 254 9.80 6.62 -8.18
N CYS A 255 9.97 6.77 -6.87
CA CYS A 255 8.85 7.03 -5.98
C CYS A 255 8.50 8.50 -5.83
N ASP A 256 9.34 9.39 -6.35
CA ASP A 256 9.14 10.83 -6.24
C ASP A 256 7.75 11.13 -6.82
N PRO A 257 6.94 11.94 -6.12
CA PRO A 257 5.61 12.28 -6.63
C PRO A 257 5.76 13.35 -7.70
N VAL A 258 6.33 12.93 -8.82
CA VAL A 258 6.55 13.79 -9.98
C VAL A 258 6.39 12.90 -11.22
N ASN A 259 6.08 13.50 -12.36
CA ASN A 259 6.05 12.77 -13.61
C ASN A 259 6.23 13.70 -14.79
N ARG A 260 6.84 13.17 -15.85
CA ARG A 260 6.72 13.80 -17.16
C ARG A 260 5.29 13.54 -17.67
N LEU A 261 4.80 14.41 -18.54
CA LEU A 261 3.49 14.25 -19.14
C LEU A 261 3.65 14.52 -20.64
N TRP A 262 3.52 13.45 -21.44
CA TRP A 262 3.51 13.60 -22.88
C TRP A 262 2.11 13.25 -23.38
N TYR A 263 1.75 13.75 -24.56
CA TYR A 263 0.49 13.35 -25.14
C TYR A 263 0.58 12.98 -26.61
N CYS A 264 -0.37 12.17 -27.04
CA CYS A 264 -0.51 11.85 -28.45
C CYS A 264 -1.93 12.19 -28.86
N ASP A 265 -2.07 13.13 -29.79
CA ASP A 265 -3.37 13.40 -30.39
C ASP A 265 -3.65 12.30 -31.42
N LEU A 266 -4.55 11.36 -31.09
CA LEU A 266 -4.75 10.23 -31.99
C LEU A 266 -5.22 10.59 -33.40
N GLN A 267 -5.90 11.72 -33.52
CA GLN A 267 -6.40 12.22 -34.80
C GLN A 267 -5.22 12.54 -35.72
N GLN A 268 -4.05 12.74 -35.12
CA GLN A 268 -2.86 13.13 -35.91
C GLN A 268 -1.94 11.98 -36.32
N GLU A 269 -2.29 10.75 -35.94
CA GLU A 269 -1.46 9.63 -36.34
C GLU A 269 -1.62 9.41 -37.84
N SER A 270 -0.51 9.12 -38.52
CA SER A 270 -0.52 8.97 -39.98
C SER A 270 -1.50 7.89 -40.41
N ASN A 271 -1.64 6.81 -39.61
CA ASN A 271 -2.41 5.61 -39.98
C ASN A 271 -2.85 4.74 -38.78
N GLY A 272 -3.41 5.37 -37.75
CA GLY A 272 -3.75 4.67 -36.49
C GLY A 272 -2.50 4.29 -35.72
N ILE A 273 -2.66 3.40 -34.74
CA ILE A 273 -1.55 3.02 -33.87
C ILE A 273 -0.71 1.94 -34.55
N THR A 274 0.43 2.33 -35.12
CA THR A 274 1.28 1.37 -35.86
C THR A 274 2.71 1.25 -35.38
N GLY A 275 3.13 2.12 -34.46
CA GLY A 275 4.49 2.07 -33.92
C GLY A 275 4.63 3.14 -32.88
N ILE A 276 5.84 3.71 -32.73
CA ILE A 276 6.05 4.76 -31.73
C ILE A 276 5.15 5.94 -32.07
N LEU A 277 4.37 6.42 -31.10
CA LEU A 277 3.37 7.48 -31.39
C LEU A 277 4.07 8.82 -31.56
N LYS A 278 3.37 9.80 -32.14
CA LYS A 278 3.93 11.16 -32.31
C LYS A 278 3.77 11.93 -30.99
N TRP A 279 4.54 11.54 -29.97
CA TRP A 279 4.41 12.13 -28.65
C TRP A 279 4.77 13.61 -28.67
N VAL A 280 3.92 14.43 -28.05
CA VAL A 280 4.21 15.86 -27.80
C VAL A 280 4.63 15.97 -26.35
N LYS A 281 5.84 16.47 -26.10
CA LYS A 281 6.39 16.40 -24.76
C LYS A 281 6.03 17.64 -23.95
N LEU A 282 4.75 17.69 -23.56
CA LEU A 282 4.16 18.85 -22.89
C LEU A 282 4.93 19.25 -21.65
N ILE A 283 5.18 18.28 -20.77
CA ILE A 283 5.96 18.51 -19.55
C ILE A 283 7.08 17.50 -19.59
N ASP A 284 8.28 17.99 -19.87
CA ASP A 284 9.39 17.08 -20.15
C ASP A 284 10.51 17.09 -19.11
N ASN A 285 10.11 17.07 -17.84
CA ASN A 285 11.03 17.03 -16.72
C ASN A 285 10.32 16.35 -15.54
N PHE A 286 11.06 16.11 -14.45
CA PHE A 286 10.49 15.47 -13.28
C PHE A 286 10.37 16.47 -12.13
N GLU A 287 9.95 17.68 -12.43
CA GLU A 287 9.85 18.70 -11.38
C GLU A 287 8.52 18.74 -10.63
N GLY A 288 7.48 18.11 -11.18
CA GLY A 288 6.13 18.21 -10.59
C GLY A 288 5.27 17.01 -10.96
N GLU A 289 4.22 16.78 -10.18
CA GLU A 289 3.23 15.76 -10.49
C GLU A 289 2.09 16.41 -11.26
N TYR A 290 1.60 15.71 -12.28
CA TYR A 290 0.45 16.18 -13.08
C TYR A 290 -0.44 14.98 -13.31
N ASP A 291 -1.61 14.98 -12.65
CA ASP A 291 -2.57 13.86 -12.67
C ASP A 291 -3.80 14.33 -13.41
N TYR A 292 -4.08 13.69 -14.54
CA TYR A 292 -5.22 14.13 -15.37
C TYR A 292 -6.53 13.97 -14.68
N VAL A 293 -7.34 15.03 -14.72
CA VAL A 293 -8.70 15.01 -14.18
C VAL A 293 -9.75 14.95 -15.30
N THR A 294 -9.69 15.92 -16.23
CA THR A 294 -10.56 15.90 -17.40
C THR A 294 -10.02 16.90 -18.41
N ASN A 295 -10.67 16.98 -19.56
CA ASN A 295 -10.38 18.06 -20.52
C ASN A 295 -11.66 18.51 -21.20
N GLU A 296 -11.63 19.73 -21.71
CA GLU A 296 -12.69 20.27 -22.57
C GLU A 296 -11.95 20.81 -23.77
N GLY A 297 -12.02 20.06 -24.87
CA GLY A 297 -11.18 20.35 -26.02
C GLY A 297 -9.71 20.34 -25.61
N THR A 298 -9.00 21.44 -25.90
CA THR A 298 -7.57 21.46 -25.62
C THR A 298 -7.24 21.96 -24.22
N VAL A 299 -8.27 22.29 -23.43
CA VAL A 299 -8.02 22.74 -22.05
C VAL A 299 -8.09 21.54 -21.10
N PHE A 300 -6.94 21.19 -20.54
CA PHE A 300 -6.76 20.01 -19.70
C PHE A 300 -6.63 20.40 -18.25
N THR A 301 -7.43 19.78 -17.38
CA THR A 301 -7.40 20.04 -15.95
C THR A 301 -6.55 18.94 -15.30
N PHE A 302 -5.53 19.37 -14.53
CA PHE A 302 -4.63 18.45 -13.81
C PHE A 302 -4.62 18.78 -12.33
N LYS A 303 -4.55 17.74 -11.51
CA LYS A 303 -4.14 17.91 -10.11
C LYS A 303 -2.62 17.94 -10.07
N THR A 304 -2.07 18.94 -9.40
CA THR A 304 -0.60 19.09 -9.40
C THR A 304 -0.05 19.49 -8.04
N ASN A 305 1.24 19.20 -7.82
CA ASN A 305 1.94 19.72 -6.65
C ASN A 305 3.04 20.72 -7.07
N ARG A 306 3.01 21.13 -8.33
CA ARG A 306 3.98 22.12 -8.81
C ARG A 306 3.86 23.44 -8.02
N HIS A 307 4.90 23.71 -7.22
CA HIS A 307 4.95 24.81 -6.22
C HIS A 307 3.72 24.89 -5.32
N SER A 308 3.16 23.71 -5.07
CA SER A 308 1.96 23.61 -4.26
C SER A 308 2.00 22.27 -3.52
N PRO A 309 2.75 22.24 -2.40
CA PRO A 309 2.90 20.98 -1.68
C PRO A 309 1.62 20.36 -1.14
N ASN A 310 0.55 21.15 -0.96
CA ASN A 310 -0.75 20.56 -0.54
C ASN A 310 -1.67 20.25 -1.73
N TYR A 311 -1.15 20.46 -2.96
CA TYR A 311 -1.80 20.17 -4.23
C TYR A 311 -2.89 21.16 -4.59
N ARG A 312 -3.08 21.33 -5.89
CA ARG A 312 -4.07 22.27 -6.41
C ARG A 312 -4.52 21.79 -7.78
N LEU A 313 -5.54 22.44 -8.32
CA LEU A 313 -5.97 22.12 -9.68
C LEU A 313 -5.58 23.25 -10.63
N ILE A 314 -4.98 22.86 -11.74
CA ILE A 314 -4.60 23.84 -12.79
C ILE A 314 -5.19 23.43 -14.12
N ASN A 315 -5.41 24.41 -15.00
CA ASN A 315 -5.76 24.11 -16.40
C ASN A 315 -4.61 24.46 -17.32
N ILE A 316 -4.21 23.52 -18.16
CA ILE A 316 -3.19 23.75 -19.18
C ILE A 316 -3.87 23.64 -20.52
N ASP A 317 -3.75 24.70 -21.33
CA ASP A 317 -4.28 24.70 -22.68
C ASP A 317 -3.18 24.22 -23.63
N PHE A 318 -3.40 23.09 -24.27
CA PHE A 318 -2.41 22.52 -25.20
C PHE A 318 -2.06 23.48 -26.34
N THR A 319 -2.96 24.41 -26.66
CA THR A 319 -2.64 25.47 -27.67
C THR A 319 -1.84 26.66 -27.14
N ASP A 320 -1.65 26.75 -25.83
CA ASP A 320 -0.92 27.86 -25.22
C ASP A 320 -0.26 27.33 -23.94
N PRO A 321 0.66 26.37 -24.11
CA PRO A 321 1.10 25.53 -23.00
C PRO A 321 2.18 26.07 -22.05
N GLU A 322 2.70 27.26 -22.30
CA GLU A 322 3.76 27.78 -21.42
C GLU A 322 3.27 28.01 -19.98
N GLU A 323 4.11 27.71 -19.00
CA GLU A 323 3.71 27.76 -17.58
C GLU A 323 3.09 29.07 -17.11
N SER A 324 3.64 30.20 -17.57
CA SER A 324 3.07 31.48 -17.17
C SER A 324 1.63 31.67 -17.61
N LYS A 325 1.15 30.82 -18.53
CA LYS A 325 -0.21 30.90 -19.06
C LYS A 325 -1.21 29.94 -18.40
N TRP A 326 -0.70 29.01 -17.60
CA TRP A 326 -1.62 28.06 -16.94
C TRP A 326 -2.58 28.80 -16.04
N LYS A 327 -3.79 28.27 -15.92
CA LYS A 327 -4.77 28.89 -15.05
C LYS A 327 -4.97 28.06 -13.80
N VAL A 328 -5.06 28.73 -12.65
CA VAL A 328 -5.32 28.03 -11.40
C VAL A 328 -6.83 27.93 -11.25
N LEU A 329 -7.33 26.72 -11.25
CA LEU A 329 -8.76 26.52 -11.17
C LEU A 329 -9.23 26.43 -9.72
N VAL A 330 -8.51 25.64 -8.91
CA VAL A 330 -8.77 25.54 -7.47
C VAL A 330 -7.44 25.70 -6.78
N PRO A 331 -7.17 26.88 -6.21
CA PRO A 331 -5.93 27.11 -5.48
C PRO A 331 -5.64 26.13 -4.35
N GLU A 332 -4.36 26.01 -4.05
CA GLU A 332 -3.87 25.22 -2.92
C GLU A 332 -4.46 25.75 -1.60
N HIS A 333 -4.89 24.83 -0.74
CA HIS A 333 -5.26 25.20 0.63
C HIS A 333 -4.01 25.36 1.50
N GLU A 334 -4.10 26.24 2.52
CA GLU A 334 -2.96 26.49 3.41
C GLU A 334 -2.50 25.24 4.15
N LYS A 335 -3.43 24.34 4.44
CA LYS A 335 -3.10 23.19 5.26
C LYS A 335 -3.66 21.88 4.74
N ASP A 336 -4.88 21.92 4.22
CA ASP A 336 -5.52 20.67 3.80
C ASP A 336 -4.96 20.14 2.49
N VAL A 337 -4.71 18.85 2.45
CA VAL A 337 -4.15 18.23 1.25
C VAL A 337 -5.29 17.83 0.32
N LEU A 338 -5.18 18.25 -0.94
CA LEU A 338 -6.12 17.76 -1.95
C LEU A 338 -5.64 16.37 -2.40
N GLU A 339 -6.37 15.33 -1.99
CA GLU A 339 -5.96 13.95 -2.20
C GLU A 339 -6.20 13.41 -3.61
N TRP A 340 -7.39 13.70 -4.11
CA TRP A 340 -7.79 13.28 -5.44
C TRP A 340 -8.98 14.06 -5.90
N VAL A 341 -9.18 14.04 -7.22
CA VAL A 341 -10.25 14.78 -7.85
C VAL A 341 -10.79 13.90 -8.98
N ALA A 342 -12.12 13.86 -9.09
CA ALA A 342 -12.79 13.18 -10.20
C ALA A 342 -13.72 14.14 -10.90
N CYS A 343 -13.94 13.94 -12.18
CA CYS A 343 -14.94 14.73 -12.92
C CYS A 343 -16.14 13.83 -13.20
N VAL A 344 -17.34 14.37 -12.98
CA VAL A 344 -18.55 13.56 -13.08
C VAL A 344 -19.68 14.44 -13.64
N ARG A 345 -20.62 13.81 -14.34
CA ARG A 345 -21.77 14.52 -14.88
C ARG A 345 -21.36 15.75 -15.71
N SER A 346 -20.33 15.54 -16.53
CA SER A 346 -19.81 16.52 -17.51
C SER A 346 -19.05 17.65 -16.86
N ASN A 347 -19.68 18.37 -15.94
CA ASN A 347 -19.14 19.64 -15.48
C ASN A 347 -19.07 19.81 -13.97
N PHE A 348 -19.11 18.68 -13.25
CA PHE A 348 -18.86 18.66 -11.79
C PHE A 348 -17.49 18.06 -11.54
N LEU A 349 -16.83 18.59 -10.50
CA LEU A 349 -15.62 17.95 -9.95
C LEU A 349 -15.90 17.52 -8.53
N VAL A 350 -15.46 16.30 -8.19
CA VAL A 350 -15.52 15.85 -6.82
C VAL A 350 -14.10 15.96 -6.26
N LEU A 351 -13.94 16.73 -5.17
CA LEU A 351 -12.64 16.91 -4.52
C LEU A 351 -12.64 16.24 -3.17
N CYS A 352 -11.62 15.42 -2.93
CA CYS A 352 -11.45 14.79 -1.64
C CYS A 352 -10.21 15.41 -0.96
N TYR A 353 -10.42 16.06 0.19
CA TYR A 353 -9.33 16.63 0.97
C TYR A 353 -9.01 15.80 2.18
N LEU A 354 -7.80 15.97 2.70
CA LEU A 354 -7.44 15.43 4.00
C LEU A 354 -7.23 16.63 4.93
N HIS A 355 -8.07 16.69 5.97
CA HIS A 355 -8.04 17.74 6.97
C HIS A 355 -7.67 17.10 8.30
N ASP A 356 -6.45 17.37 8.78
CA ASP A 356 -5.92 16.73 10.00
C ASP A 356 -6.21 15.24 10.00
N VAL A 357 -5.85 14.61 8.90
CA VAL A 357 -5.89 13.13 8.77
C VAL A 357 -7.30 12.56 8.74
N LYS A 358 -8.28 13.38 8.39
CA LYS A 358 -9.65 12.86 8.14
C LYS A 358 -10.11 13.35 6.77
N ASN A 359 -10.91 12.56 6.06
CA ASN A 359 -11.36 13.02 4.72
C ASN A 359 -12.59 13.91 4.76
N THR A 360 -12.64 14.83 3.80
CA THR A 360 -13.84 15.60 3.51
C THR A 360 -14.06 15.44 2.02
N LEU A 361 -15.30 15.63 1.59
CA LEU A 361 -15.66 15.42 0.19
C LEU A 361 -16.55 16.57 -0.25
N GLN A 362 -16.24 17.17 -1.40
CA GLN A 362 -17.09 18.26 -1.86
C GLN A 362 -17.21 18.31 -3.35
N LEU A 363 -18.25 19.00 -3.82
CA LEU A 363 -18.52 19.12 -5.25
C LEU A 363 -18.22 20.53 -5.68
N HIS A 364 -17.51 20.65 -6.80
CA HIS A 364 -17.16 21.97 -7.36
C HIS A 364 -17.60 22.08 -8.80
N ASP A 365 -17.75 23.32 -9.29
CA ASP A 365 -18.06 23.57 -10.70
C ASP A 365 -16.78 23.44 -11.52
N LEU A 366 -16.83 22.70 -12.63
CA LEU A 366 -15.64 22.56 -13.49
C LEU A 366 -15.19 23.89 -14.09
N ALA A 367 -16.14 24.71 -14.52
CA ALA A 367 -15.78 25.93 -15.26
C ALA A 367 -15.06 26.97 -14.40
N THR A 368 -15.48 27.13 -13.15
CA THR A 368 -14.92 28.16 -12.26
C THR A 368 -14.14 27.64 -11.08
N GLY A 369 -14.33 26.36 -10.75
CA GLY A 369 -13.72 25.80 -9.54
C GLY A 369 -14.44 26.15 -8.25
N ALA A 370 -15.56 26.87 -8.35
CA ALA A 370 -16.35 27.25 -7.17
C ALA A 370 -16.92 26.06 -6.43
N LEU A 371 -16.90 26.16 -5.11
CA LEU A 371 -17.55 25.18 -4.24
C LEU A 371 -19.06 25.19 -4.43
N LEU A 372 -19.66 24.01 -4.60
CA LEU A 372 -21.11 23.90 -4.77
C LEU A 372 -21.82 23.18 -3.63
N LYS A 373 -21.18 22.15 -3.10
CA LYS A 373 -21.84 21.28 -2.11
C LYS A 373 -20.81 20.57 -1.26
N ILE A 374 -21.06 20.51 0.04
CA ILE A 374 -20.24 19.70 0.92
C ILE A 374 -21.00 18.43 1.21
N PHE A 375 -20.37 17.28 1.02
CA PHE A 375 -21.02 16.02 1.38
C PHE A 375 -20.66 15.69 2.83
N PRO A 376 -21.64 15.62 3.73
CA PRO A 376 -21.35 15.43 5.15
C PRO A 376 -20.77 14.05 5.45
N LEU A 377 -19.70 14.02 6.23
CA LEU A 377 -19.11 12.75 6.67
C LEU A 377 -18.79 12.75 8.15
N GLU A 378 -18.92 11.60 8.80
CA GLU A 378 -18.32 11.44 10.14
C GLU A 378 -16.79 11.45 10.04
N VAL A 379 -16.09 11.36 11.19
CA VAL A 379 -14.63 11.33 11.16
C VAL A 379 -14.11 9.96 10.69
N GLY A 380 -13.36 9.97 9.59
CA GLY A 380 -12.85 8.73 9.03
C GLY A 380 -12.30 8.97 7.64
N SER A 381 -12.39 7.95 6.80
CA SER A 381 -11.76 7.96 5.48
C SER A 381 -12.76 7.68 4.39
N VAL A 382 -12.50 8.26 3.22
CA VAL A 382 -13.20 7.84 2.00
C VAL A 382 -12.30 6.82 1.31
N VAL A 383 -12.81 5.60 1.12
CA VAL A 383 -11.96 4.51 0.63
C VAL A 383 -12.39 3.94 -0.71
N GLY A 384 -13.47 4.49 -1.26
CA GLY A 384 -13.97 4.03 -2.52
C GLY A 384 -14.76 5.18 -3.12
N TYR A 385 -14.72 5.30 -4.43
CA TYR A 385 -15.49 6.31 -5.13
C TYR A 385 -15.75 5.79 -6.55
N SER A 386 -16.93 6.07 -7.09
CA SER A 386 -17.18 5.89 -8.53
C SER A 386 -17.97 7.04 -9.08
N GLY A 387 -17.65 7.39 -10.32
CA GLY A 387 -18.41 8.40 -11.07
C GLY A 387 -17.48 9.06 -12.06
N GLN A 388 -17.62 8.69 -13.34
CA GLN A 388 -16.77 9.32 -14.37
C GLN A 388 -17.52 10.37 -15.14
N LYS A 389 -16.83 11.01 -16.08
CA LYS A 389 -17.39 12.18 -16.73
C LYS A 389 -18.80 11.93 -17.30
N LYS A 390 -19.02 10.76 -17.90
CA LYS A 390 -20.31 10.51 -18.54
C LYS A 390 -21.38 10.02 -17.56
N ASP A 391 -20.97 9.68 -16.33
CA ASP A 391 -21.95 9.23 -15.32
C ASP A 391 -22.76 10.37 -14.78
N THR A 392 -23.95 10.05 -14.25
CA THR A 392 -24.83 11.09 -13.67
C THR A 392 -25.09 10.86 -12.19
N GLU A 393 -24.24 10.03 -11.58
CA GLU A 393 -24.38 9.70 -10.18
C GLU A 393 -23.02 9.36 -9.63
N ILE A 394 -22.89 9.49 -8.30
CA ILE A 394 -21.70 9.01 -7.62
C ILE A 394 -22.04 8.00 -6.54
N PHE A 395 -21.09 7.13 -6.27
CA PHE A 395 -21.08 6.30 -5.07
C PHE A 395 -19.79 6.59 -4.35
N TYR A 396 -19.80 6.55 -3.03
CA TYR A 396 -18.55 6.65 -2.27
C TYR A 396 -18.69 5.90 -0.97
N GLN A 397 -17.58 5.35 -0.50
CA GLN A 397 -17.56 4.51 0.70
C GLN A 397 -16.74 5.15 1.78
N PHE A 398 -17.33 5.21 2.97
CA PHE A 398 -16.73 5.80 4.15
C PHE A 398 -16.41 4.69 5.11
N THR A 399 -15.28 4.82 5.80
CA THR A 399 -14.92 3.85 6.82
C THR A 399 -14.24 4.56 7.98
N SER A 400 -14.14 3.90 9.12
CA SER A 400 -13.51 4.52 10.27
C SER A 400 -12.98 3.41 11.18
N PHE A 401 -12.42 3.78 12.32
CA PHE A 401 -11.83 2.76 13.19
C PHE A 401 -12.90 1.82 13.78
N LEU A 402 -14.13 2.32 13.92
CA LEU A 402 -15.08 1.62 14.79
C LEU A 402 -16.26 0.95 14.10
N SER A 403 -16.38 1.17 12.79
CA SER A 403 -17.50 0.58 12.04
C SER A 403 -17.05 0.29 10.61
N PRO A 404 -17.55 -0.80 10.01
CA PRO A 404 -17.14 -1.18 8.66
C PRO A 404 -17.49 -0.10 7.67
N GLY A 405 -18.48 0.73 7.99
CA GLY A 405 -18.71 1.91 7.19
C GLY A 405 -19.95 1.84 6.32
N ILE A 406 -20.02 2.77 5.38
CA ILE A 406 -21.27 3.09 4.75
C ILE A 406 -20.94 3.39 3.31
N ILE A 407 -21.76 2.84 2.40
CA ILE A 407 -21.68 3.24 1.00
C ILE A 407 -22.83 4.20 0.73
N TYR A 408 -22.48 5.38 0.20
CA TYR A 408 -23.47 6.39 -0.15
C TYR A 408 -23.66 6.46 -1.64
N HIS A 409 -24.84 6.93 -2.05
CA HIS A 409 -25.17 7.16 -3.44
C HIS A 409 -25.75 8.55 -3.58
N CYS A 410 -25.39 9.25 -4.65
CA CYS A 410 -26.00 10.56 -4.92
C CYS A 410 -26.30 10.69 -6.40
N ASP A 411 -27.57 10.94 -6.70
CA ASP A 411 -28.06 11.13 -8.05
C ASP A 411 -27.83 12.60 -8.42
N LEU A 412 -26.91 12.85 -9.33
CA LEU A 412 -26.48 14.22 -9.62
C LEU A 412 -27.33 14.94 -10.65
N THR A 413 -28.43 14.31 -11.06
CA THR A 413 -29.37 14.95 -12.02
C THR A 413 -30.44 15.74 -11.30
N LYS A 414 -30.53 15.55 -9.99
CA LYS A 414 -31.55 16.21 -9.19
C LYS A 414 -31.13 17.63 -8.87
N GLU A 415 -32.09 18.55 -8.75
CA GLU A 415 -31.80 19.95 -8.44
C GLU A 415 -31.17 20.07 -7.06
N GLU A 416 -31.77 19.35 -6.10
CA GLU A 416 -31.28 19.29 -4.73
C GLU A 416 -30.59 17.96 -4.54
N LEU A 417 -29.28 18.04 -4.29
CA LEU A 417 -28.47 16.86 -4.15
C LEU A 417 -28.67 16.24 -2.78
N GLU A 418 -29.14 15.00 -2.78
CA GLU A 418 -29.48 14.30 -1.55
C GLU A 418 -28.70 12.99 -1.53
N PRO A 419 -27.50 12.96 -0.93
CA PRO A 419 -26.80 11.70 -0.76
C PRO A 419 -27.60 10.83 0.17
N ARG A 420 -27.62 9.55 -0.12
CA ARG A 420 -28.40 8.61 0.68
C ARG A 420 -27.57 7.39 0.97
N VAL A 421 -27.82 6.79 2.13
CA VAL A 421 -27.18 5.54 2.45
C VAL A 421 -27.64 4.49 1.45
N PHE A 422 -26.67 3.86 0.82
CA PHE A 422 -26.94 2.83 -0.16
C PHE A 422 -26.73 1.46 0.42
N ARG A 423 -25.63 1.27 1.15
CA ARG A 423 -25.38 0.01 1.87
C ARG A 423 -24.73 0.30 3.22
N GLU A 424 -25.19 -0.37 4.28
CA GLU A 424 -24.58 -0.21 5.59
C GLU A 424 -24.65 -1.53 6.32
N VAL A 425 -23.50 -2.05 6.69
CA VAL A 425 -23.43 -3.29 7.45
C VAL A 425 -22.84 -2.98 8.83
N THR A 426 -23.44 -3.59 9.84
CA THR A 426 -22.95 -3.52 11.22
C THR A 426 -22.39 -4.88 11.63
N VAL A 427 -21.31 -4.88 12.39
CA VAL A 427 -20.70 -6.11 12.86
C VAL A 427 -21.28 -6.45 14.23
N LYS A 428 -22.05 -7.54 14.28
CA LYS A 428 -22.56 -8.05 15.55
C LYS A 428 -21.40 -8.67 16.30
N GLY A 429 -21.31 -8.36 17.59
CA GLY A 429 -20.19 -8.78 18.41
C GLY A 429 -19.36 -7.59 18.86
N ILE A 430 -19.31 -6.54 18.04
CA ILE A 430 -18.65 -5.31 18.44
C ILE A 430 -19.69 -4.20 18.56
N ASP A 431 -19.71 -3.54 19.71
CA ASP A 431 -20.57 -2.38 19.93
C ASP A 431 -19.69 -1.15 19.85
N ALA A 432 -19.76 -0.45 18.71
CA ALA A 432 -18.93 0.75 18.47
C ALA A 432 -19.04 1.77 19.61
N SER A 433 -20.20 1.83 20.25
CA SER A 433 -20.47 2.79 21.31
C SER A 433 -19.65 2.57 22.58
N ASP A 434 -19.07 1.37 22.74
CA ASP A 434 -18.25 1.06 23.92
C ASP A 434 -16.86 1.70 23.83
N TYR A 435 -16.49 2.14 22.62
CA TYR A 435 -15.13 2.61 22.35
C TYR A 435 -15.11 4.05 21.92
N GLN A 436 -13.95 4.68 22.01
CA GLN A 436 -13.81 6.02 21.47
C GLN A 436 -12.49 6.14 20.74
N THR A 437 -12.48 7.07 19.79
CA THR A 437 -11.30 7.46 19.03
C THR A 437 -11.01 8.90 19.37
N VAL A 438 -9.77 9.17 19.78
CA VAL A 438 -9.32 10.53 20.00
C VAL A 438 -8.12 10.84 19.13
N GLN A 439 -7.98 12.10 18.76
CA GLN A 439 -6.80 12.57 18.05
C GLN A 439 -6.08 13.56 18.94
N ILE A 440 -4.79 13.31 19.13
CA ILE A 440 -3.90 14.23 19.87
C ILE A 440 -2.73 14.60 18.98
N PHE A 441 -2.01 15.65 19.38
CA PHE A 441 -0.79 16.04 18.69
C PHE A 441 0.29 16.08 19.74
N TYR A 442 1.38 15.36 19.51
CA TYR A 442 2.48 15.32 20.49
C TYR A 442 3.77 15.89 19.86
N PRO A 443 4.65 16.49 20.66
CA PRO A 443 5.89 17.04 20.11
C PRO A 443 6.96 15.97 19.92
N SER A 444 7.62 16.04 18.76
CA SER A 444 8.73 15.18 18.49
C SER A 444 10.02 15.81 19.06
N LYS A 445 11.14 15.13 18.86
CA LYS A 445 12.44 15.57 19.40
C LYS A 445 12.71 17.03 19.02
N ASP A 446 12.40 17.38 17.77
CA ASP A 446 12.71 18.74 17.27
C ASP A 446 11.56 19.76 17.47
N GLY A 447 10.55 19.31 18.21
CA GLY A 447 9.40 20.13 18.57
C GLY A 447 8.21 20.07 17.62
N THR A 448 8.40 19.42 16.47
CA THR A 448 7.33 19.33 15.49
C THR A 448 6.16 18.57 16.12
N LYS A 449 4.94 19.10 15.95
CA LYS A 449 3.75 18.41 16.49
C LYS A 449 3.25 17.34 15.53
N ILE A 450 3.12 16.12 16.04
CA ILE A 450 2.76 14.97 15.17
C ILE A 450 1.37 14.49 15.57
N PRO A 451 0.46 14.25 14.63
CA PRO A 451 -0.83 13.68 14.98
C PRO A 451 -0.74 12.22 15.39
N MET A 452 -1.61 11.84 16.32
CA MET A 452 -1.81 10.42 16.62
C MET A 452 -3.27 10.15 16.97
N PHE A 453 -3.82 9.07 16.40
CA PHE A 453 -5.14 8.56 16.80
C PHE A 453 -4.94 7.51 17.88
N ILE A 454 -5.82 7.54 18.87
CA ILE A 454 -5.82 6.52 19.92
C ILE A 454 -7.26 5.99 20.03
N VAL A 455 -7.41 4.67 19.99
CA VAL A 455 -8.72 4.01 20.08
C VAL A 455 -8.68 3.13 21.34
N HIS A 456 -9.67 3.30 22.21
CA HIS A 456 -9.69 2.54 23.45
C HIS A 456 -11.10 2.42 23.97
N LYS A 457 -11.29 1.52 24.92
CA LYS A 457 -12.56 1.39 25.63
C LYS A 457 -12.85 2.68 26.41
N LYS A 458 -14.09 3.15 26.38
CA LYS A 458 -14.47 4.33 27.16
C LYS A 458 -14.22 4.11 28.66
N GLY A 459 -13.76 5.18 29.34
CA GLY A 459 -13.65 5.18 30.80
C GLY A 459 -12.46 4.44 31.41
N ILE A 460 -11.51 4.00 30.57
CA ILE A 460 -10.31 3.38 31.12
C ILE A 460 -9.51 4.37 31.96
N LYS A 461 -8.83 3.84 32.96
CA LYS A 461 -7.96 4.65 33.80
C LYS A 461 -6.60 4.72 33.13
N LEU A 462 -6.04 5.93 33.08
CA LEU A 462 -4.73 6.13 32.47
C LEU A 462 -3.64 5.88 33.50
N ASP A 463 -3.54 4.63 33.93
CA ASP A 463 -2.60 4.19 34.99
C ASP A 463 -1.45 3.34 34.47
N GLY A 464 -1.28 3.31 33.14
CA GLY A 464 -0.18 2.58 32.52
C GLY A 464 -0.35 1.08 32.43
N SER A 465 -1.54 0.57 32.77
CA SER A 465 -1.70 -0.88 32.94
C SER A 465 -2.08 -1.65 31.69
N HIS A 466 -2.40 -0.91 30.62
CA HIS A 466 -3.01 -1.54 29.44
C HIS A 466 -1.99 -1.92 28.39
N PRO A 467 -2.18 -3.07 27.76
CA PRO A 467 -1.38 -3.41 26.57
C PRO A 467 -1.70 -2.41 25.48
N ALA A 468 -0.71 -2.02 24.67
CA ALA A 468 -0.98 -1.11 23.55
C ALA A 468 -0.36 -1.63 22.29
N PHE A 469 -0.96 -1.23 21.17
CA PHE A 469 -0.48 -1.65 19.85
C PHE A 469 -0.37 -0.35 19.07
N LEU A 470 0.87 0.02 18.77
CA LEU A 470 1.17 1.28 18.12
C LEU A 470 1.65 0.99 16.70
N TYR A 471 0.94 1.56 15.73
CA TYR A 471 1.24 1.36 14.32
C TYR A 471 1.77 2.61 13.63
N GLY A 472 2.69 2.41 12.69
CA GLY A 472 3.24 3.55 11.89
C GLY A 472 3.72 3.03 10.54
N TYR A 473 3.86 3.97 9.60
CA TYR A 473 4.46 3.66 8.28
C TYR A 473 5.56 4.68 8.06
N GLY A 474 5.21 5.89 7.64
CA GLY A 474 6.16 7.00 7.63
C GLY A 474 7.02 7.06 6.37
N GLY A 475 6.40 7.22 5.21
CA GLY A 475 7.18 7.25 3.98
C GLY A 475 6.30 7.37 2.76
N PHE A 476 6.93 7.72 1.64
CA PHE A 476 6.35 7.56 0.32
C PHE A 476 5.07 8.37 0.12
N ASN A 477 4.93 9.45 0.90
CA ASN A 477 3.78 10.35 0.74
C ASN A 477 2.45 9.62 1.02
N ILE A 478 2.52 8.53 1.76
CA ILE A 478 1.29 7.77 2.11
C ILE A 478 0.70 8.29 3.41
N SER A 479 -0.59 8.64 3.39
CA SER A 479 -1.24 9.08 4.61
C SER A 479 -1.92 7.91 5.29
N ILE A 480 -1.67 7.75 6.59
CA ILE A 480 -2.29 6.66 7.31
C ILE A 480 -3.59 7.13 7.99
N THR A 481 -4.73 6.85 7.34
CA THR A 481 -6.01 7.42 7.78
C THR A 481 -6.90 6.35 8.42
N PRO A 482 -7.97 6.73 9.11
CA PRO A 482 -8.79 5.74 9.83
C PRO A 482 -9.29 4.63 8.92
N ASN A 483 -9.20 3.41 9.42
CA ASN A 483 -9.66 2.26 8.66
C ASN A 483 -10.22 1.21 9.61
N TYR A 484 -11.09 0.34 9.09
CA TYR A 484 -11.72 -0.63 9.97
C TYR A 484 -10.98 -1.95 9.99
N SER A 485 -10.62 -2.38 11.20
CA SER A 485 -9.90 -3.61 11.41
C SER A 485 -10.55 -4.38 12.54
N VAL A 486 -11.22 -5.48 12.20
CA VAL A 486 -11.76 -6.38 13.20
C VAL A 486 -10.61 -6.96 14.04
N SER A 487 -9.49 -7.26 13.39
CA SER A 487 -8.36 -7.85 14.10
C SER A 487 -7.85 -6.97 15.23
N ARG A 488 -7.70 -5.68 14.97
CA ARG A 488 -7.30 -4.75 16.03
C ARG A 488 -8.38 -4.55 17.11
N LEU A 489 -9.66 -4.52 16.71
CA LEU A 489 -10.74 -4.43 17.70
C LEU A 489 -10.80 -5.66 18.63
N ILE A 490 -10.41 -6.84 18.16
CA ILE A 490 -10.33 -8.01 19.05
C ILE A 490 -9.23 -7.79 20.10
N PHE A 491 -8.12 -7.18 19.70
CA PHE A 491 -7.09 -6.83 20.68
C PHE A 491 -7.65 -5.88 21.74
N VAL A 492 -8.44 -4.88 21.32
CA VAL A 492 -9.07 -3.97 22.27
C VAL A 492 -10.05 -4.67 23.20
N ARG A 493 -11.00 -5.39 22.64
CA ARG A 493 -12.10 -5.96 23.42
C ARG A 493 -11.67 -7.19 24.21
N HIS A 494 -10.89 -8.06 23.58
CA HIS A 494 -10.61 -9.38 24.15
C HIS A 494 -9.22 -9.50 24.75
N MET A 495 -8.37 -8.49 24.54
CA MET A 495 -7.07 -8.46 25.18
C MET A 495 -6.87 -7.18 26.02
N GLY A 496 -7.92 -6.36 26.10
CA GLY A 496 -7.92 -5.18 26.96
C GLY A 496 -6.98 -4.11 26.44
N GLY A 497 -6.72 -4.14 25.14
CA GLY A 497 -5.70 -3.25 24.56
C GLY A 497 -6.13 -1.86 24.13
N VAL A 498 -5.14 -1.02 23.92
CA VAL A 498 -5.27 0.35 23.39
C VAL A 498 -4.62 0.35 22.01
N LEU A 499 -5.31 0.89 21.00
CA LEU A 499 -4.75 0.99 19.66
C LEU A 499 -4.24 2.42 19.45
N ALA A 500 -3.11 2.56 18.76
CA ALA A 500 -2.64 3.91 18.41
C ALA A 500 -2.04 3.90 17.02
N VAL A 501 -2.21 5.00 16.27
CA VAL A 501 -1.64 5.13 14.95
C VAL A 501 -0.97 6.51 14.91
N ALA A 502 0.34 6.54 14.65
CA ALA A 502 1.08 7.80 14.69
C ALA A 502 1.37 8.27 13.27
N ASN A 503 0.92 9.49 12.95
CA ASN A 503 1.08 10.04 11.60
C ASN A 503 2.42 10.74 11.42
N ILE A 504 3.46 9.95 11.55
CA ILE A 504 4.84 10.46 11.52
C ILE A 504 5.27 11.00 10.15
N ARG A 505 6.30 11.84 10.19
CA ARG A 505 6.83 12.41 8.95
C ARG A 505 7.32 11.35 7.96
N GLY A 506 7.43 11.75 6.70
CA GLY A 506 7.64 10.78 5.61
C GLY A 506 6.31 10.48 4.92
N GLY A 507 5.20 10.56 5.67
CA GLY A 507 3.86 10.36 5.13
C GLY A 507 3.41 11.59 4.36
N GLY A 508 2.18 11.53 3.85
CA GLY A 508 1.61 12.60 3.08
C GLY A 508 0.59 13.45 3.84
N GLU A 509 0.51 13.27 5.17
CA GLU A 509 -0.62 13.84 5.93
C GLU A 509 -0.70 15.35 5.84
N TYR A 510 0.47 15.99 5.76
CA TYR A 510 0.59 17.46 5.63
C TYR A 510 1.32 17.85 4.35
N GLY A 511 1.05 17.08 3.31
CA GLY A 511 1.54 17.39 1.98
C GLY A 511 3.00 17.10 1.78
N GLU A 512 3.56 17.64 0.71
CA GLU A 512 4.93 17.31 0.35
C GLU A 512 5.94 17.72 1.40
N THR A 513 5.67 18.79 2.16
CA THR A 513 6.61 19.16 3.22
C THR A 513 6.68 18.11 4.31
N TRP A 514 5.57 17.40 4.55
CA TRP A 514 5.54 16.33 5.54
C TRP A 514 6.34 15.13 5.02
N HIS A 515 6.17 14.85 3.72
CA HIS A 515 6.96 13.81 3.06
C HIS A 515 8.46 14.11 3.13
N LYS A 516 8.85 15.31 2.70
CA LYS A 516 10.29 15.67 2.71
C LYS A 516 10.89 15.70 4.11
N GLY A 517 10.03 15.92 5.12
CA GLY A 517 10.48 15.90 6.51
C GLY A 517 10.90 14.54 7.04
N GLY A 518 10.70 13.51 6.23
CA GLY A 518 11.01 12.14 6.65
C GLY A 518 11.68 11.28 5.59
N ILE A 519 12.47 11.92 4.74
CA ILE A 519 13.19 11.21 3.71
C ILE A 519 14.64 11.67 3.64
N LEU A 520 15.43 10.85 2.95
CA LEU A 520 16.81 11.19 2.59
C LEU A 520 17.60 11.52 3.86
N ALA A 521 18.22 12.70 3.96
CA ALA A 521 18.99 13.01 5.16
C ALA A 521 18.14 13.09 6.44
N ASN A 522 16.84 13.29 6.23
CA ASN A 522 15.89 13.48 7.34
C ASN A 522 15.12 12.21 7.68
N LYS A 523 15.56 11.07 7.15
CA LYS A 523 14.82 9.82 7.48
C LYS A 523 14.78 9.55 9.01
N GLN A 524 15.86 9.90 9.72
CA GLN A 524 15.84 9.74 11.17
C GLN A 524 14.68 10.46 11.86
N ASN A 525 14.12 11.51 11.25
CA ASN A 525 12.94 12.17 11.85
C ASN A 525 11.78 11.19 11.99
N CYS A 526 11.65 10.27 11.03
CA CYS A 526 10.59 9.24 11.10
C CYS A 526 10.70 8.46 12.39
N PHE A 527 11.90 7.92 12.63
CA PHE A 527 12.16 7.08 13.78
C PHE A 527 12.03 7.88 15.06
N ASP A 528 12.57 9.10 15.09
CA ASP A 528 12.37 9.96 16.28
C ASP A 528 10.87 10.22 16.53
N ASP A 529 10.11 10.57 15.49
CA ASP A 529 8.67 10.80 15.66
C ASP A 529 8.00 9.56 16.27
N PHE A 530 8.35 8.39 15.77
CA PHE A 530 7.63 7.18 16.23
C PHE A 530 8.05 6.85 17.67
N GLN A 531 9.35 6.99 17.98
CA GLN A 531 9.78 6.79 19.37
C GLN A 531 9.07 7.77 20.29
N CYS A 532 8.89 9.00 19.83
CA CYS A 532 8.19 10.00 20.64
C CYS A 532 6.71 9.66 20.83
N ALA A 533 6.11 8.96 19.85
CA ALA A 533 4.73 8.48 20.03
C ALA A 533 4.64 7.48 21.17
N ALA A 534 5.58 6.55 21.19
CA ALA A 534 5.68 5.57 22.29
C ALA A 534 5.85 6.28 23.63
N GLU A 535 6.74 7.29 23.67
CA GLU A 535 6.94 8.02 24.92
C GLU A 535 5.69 8.74 25.38
N TYR A 536 4.89 9.23 24.42
CA TYR A 536 3.64 9.90 24.76
C TYR A 536 2.66 8.93 25.39
N LEU A 537 2.49 7.77 24.77
CA LEU A 537 1.54 6.77 25.29
C LEU A 537 1.93 6.35 26.70
N ILE A 538 3.23 6.24 26.94
CA ILE A 538 3.74 5.87 28.27
C ILE A 538 3.54 7.00 29.28
N LYS A 539 4.02 8.20 28.94
CA LYS A 539 3.92 9.32 29.88
C LYS A 539 2.48 9.64 30.26
N GLU A 540 1.58 9.51 29.30
CA GLU A 540 0.18 9.87 29.53
C GLU A 540 -0.61 8.72 30.15
N GLY A 541 0.04 7.59 30.37
CA GLY A 541 -0.61 6.50 31.10
C GLY A 541 -1.45 5.53 30.32
N TYR A 542 -1.35 5.52 29.00
CA TYR A 542 -2.09 4.50 28.24
C TYR A 542 -1.46 3.13 28.43
N THR A 543 -0.14 3.11 28.56
CA THR A 543 0.60 1.86 28.58
C THR A 543 1.93 2.03 29.32
N SER A 544 2.74 0.97 29.30
CA SER A 544 4.11 1.00 29.86
C SER A 544 4.97 0.23 28.87
N PRO A 545 6.29 0.44 28.88
CA PRO A 545 7.17 -0.20 27.89
C PRO A 545 6.98 -1.71 27.81
N LYS A 546 6.89 -2.38 28.97
CA LYS A 546 6.78 -3.83 28.98
C LYS A 546 5.47 -4.33 28.32
N ARG A 547 4.48 -3.44 28.19
CA ARG A 547 3.14 -3.81 27.65
C ARG A 547 2.91 -3.24 26.25
N LEU A 548 3.92 -2.57 25.69
CA LEU A 548 3.78 -1.91 24.39
C LEU A 548 4.29 -2.77 23.24
N THR A 549 3.44 -2.95 22.24
CA THR A 549 3.83 -3.58 20.96
C THR A 549 3.83 -2.53 19.86
N ILE A 550 4.86 -2.56 19.02
CA ILE A 550 4.84 -1.77 17.78
C ILE A 550 4.77 -2.66 16.57
N ASN A 551 4.11 -2.16 15.54
CA ASN A 551 3.91 -2.88 14.31
C ASN A 551 4.01 -1.95 13.11
N GLY A 552 4.56 -2.46 12.01
CA GLY A 552 4.49 -1.78 10.73
C GLY A 552 4.82 -2.78 9.66
N GLY A 553 4.48 -2.45 8.42
CA GLY A 553 4.79 -3.33 7.27
C GLY A 553 5.49 -2.56 6.16
N SER A 554 6.41 -3.23 5.46
CA SER A 554 7.10 -2.68 4.29
C SER A 554 8.05 -1.59 4.79
N ASN A 555 7.93 -0.35 4.29
CA ASN A 555 8.64 0.77 4.90
C ASN A 555 8.32 0.85 6.42
N GLY A 556 7.13 0.37 6.83
CA GLY A 556 6.76 0.34 8.25
C GLY A 556 7.50 -0.75 9.00
N GLY A 557 7.86 -1.80 8.27
CA GLY A 557 8.71 -2.86 8.85
C GLY A 557 10.11 -2.33 9.14
N LEU A 558 10.65 -1.53 8.21
CA LEU A 558 11.91 -0.81 8.45
C LEU A 558 11.77 0.08 9.71
N LEU A 559 10.65 0.79 9.81
CA LEU A 559 10.39 1.65 10.96
C LEU A 559 10.53 0.91 12.27
N VAL A 560 9.79 -0.20 12.42
CA VAL A 560 9.76 -0.83 13.75
C VAL A 560 11.06 -1.58 14.04
N ALA A 561 11.71 -2.11 13.00
CA ALA A 561 13.02 -2.76 13.21
C ALA A 561 14.07 -1.76 13.64
N THR A 562 14.10 -0.61 12.99
CA THR A 562 15.02 0.44 13.41
C THR A 562 14.73 0.88 14.86
N CYS A 563 13.46 1.05 15.20
CA CYS A 563 13.12 1.47 16.57
C CYS A 563 13.55 0.40 17.60
N ALA A 564 13.47 -0.87 17.23
CA ALA A 564 13.94 -1.92 18.15
C ALA A 564 15.45 -1.76 18.41
N ASN A 565 16.22 -1.43 17.37
CA ASN A 565 17.66 -1.26 17.56
C ASN A 565 17.98 0.00 18.35
N GLN A 566 17.22 1.05 18.10
CA GLN A 566 17.57 2.38 18.65
C GLN A 566 17.08 2.55 20.10
N ARG A 567 15.94 1.96 20.40
CA ARG A 567 15.31 2.12 21.73
C ARG A 567 14.73 0.79 22.19
N PRO A 568 15.55 -0.23 22.37
CA PRO A 568 14.99 -1.55 22.80
C PRO A 568 14.28 -1.46 24.14
N ASP A 569 14.63 -0.46 24.96
CA ASP A 569 14.04 -0.27 26.29
C ASP A 569 12.59 0.22 26.24
N LEU A 570 12.14 0.64 25.06
CA LEU A 570 10.88 1.34 24.97
C LEU A 570 9.72 0.38 24.65
N PHE A 571 10.04 -0.83 24.18
CA PHE A 571 9.02 -1.74 23.60
C PHE A 571 9.10 -3.11 24.22
N GLY A 572 7.94 -3.73 24.40
CA GLY A 572 7.87 -5.10 24.85
C GLY A 572 7.90 -6.07 23.68
N CYS A 573 7.30 -5.68 22.56
CA CYS A 573 7.12 -6.61 21.45
C CYS A 573 7.17 -5.79 20.16
N VAL A 574 7.76 -6.38 19.12
CA VAL A 574 7.88 -5.75 17.83
C VAL A 574 7.46 -6.75 16.74
N ILE A 575 6.52 -6.38 15.90
CA ILE A 575 6.14 -7.26 14.78
C ILE A 575 6.41 -6.48 13.50
N ALA A 576 7.41 -6.94 12.74
CA ALA A 576 7.80 -6.25 11.51
C ALA A 576 7.38 -7.10 10.33
N GLN A 577 6.45 -6.58 9.54
CA GLN A 577 5.94 -7.32 8.38
C GLN A 577 6.65 -6.87 7.11
N VAL A 578 7.10 -7.85 6.31
CA VAL A 578 7.66 -7.62 4.95
C VAL A 578 8.55 -6.38 4.86
N GLY A 579 9.49 -6.29 5.82
CA GLY A 579 10.24 -5.04 6.00
C GLY A 579 11.48 -4.97 5.15
N VAL A 580 11.86 -3.73 4.81
CA VAL A 580 13.14 -3.49 4.15
C VAL A 580 14.19 -3.35 5.26
N MET A 581 15.14 -4.28 5.30
CA MET A 581 16.09 -4.36 6.40
C MET A 581 17.52 -4.11 5.97
N ASP A 582 17.86 -4.43 4.73
CA ASP A 582 19.23 -4.16 4.24
C ASP A 582 19.23 -2.87 3.43
N MET A 583 19.55 -1.74 4.08
CA MET A 583 19.40 -0.47 3.39
C MET A 583 20.55 -0.20 2.44
N LEU A 584 21.57 -1.04 2.50
CA LEU A 584 22.69 -0.90 1.59
C LEU A 584 22.46 -1.62 0.29
N LYS A 585 21.60 -2.62 0.28
CA LYS A 585 21.44 -3.42 -0.91
C LYS A 585 20.00 -3.39 -1.49
N PHE A 586 19.08 -2.65 -0.88
CA PHE A 586 17.67 -2.79 -1.29
C PHE A 586 17.47 -2.49 -2.78
N HIS A 587 18.31 -1.61 -3.36
CA HIS A 587 18.07 -1.11 -4.73
C HIS A 587 18.47 -2.16 -5.79
N LYS A 588 19.08 -3.25 -5.35
CA LYS A 588 19.64 -4.25 -6.26
C LYS A 588 18.60 -5.24 -6.80
N TYR A 589 17.44 -5.32 -6.12
CA TYR A 589 16.50 -6.43 -6.32
C TYR A 589 15.16 -5.90 -6.82
N THR A 590 14.52 -6.70 -7.65
CA THR A 590 13.20 -6.40 -8.24
C THR A 590 12.96 -4.91 -8.49
N ILE A 591 12.02 -4.31 -7.75
CA ILE A 591 11.65 -2.91 -7.98
C ILE A 591 12.26 -1.99 -6.93
N GLY A 592 13.21 -2.51 -6.13
CA GLY A 592 13.82 -1.72 -5.06
C GLY A 592 14.49 -0.43 -5.53
N HIS A 593 14.92 -0.40 -6.80
CA HIS A 593 15.49 0.83 -7.34
C HIS A 593 14.53 2.02 -7.26
N ALA A 594 13.25 1.74 -7.14
CA ALA A 594 12.25 2.80 -7.16
C ALA A 594 12.11 3.49 -5.82
N TRP A 595 12.85 3.04 -4.81
CA TRP A 595 12.64 3.59 -3.45
C TRP A 595 13.72 4.61 -3.09
N THR A 596 14.64 4.86 -4.03
CA THR A 596 15.77 5.74 -3.72
C THR A 596 15.34 7.19 -3.48
N CYS A 597 14.15 7.58 -3.97
CA CYS A 597 13.66 8.94 -3.68
C CYS A 597 13.46 9.21 -2.19
N ASP A 598 13.13 8.16 -1.44
CA ASP A 598 12.88 8.29 -0.01
C ASP A 598 14.13 7.95 0.77
N TYR A 599 14.90 6.97 0.29
CA TYR A 599 16.01 6.47 1.11
C TYR A 599 17.39 7.02 0.74
N GLY A 600 17.56 7.35 -0.55
CA GLY A 600 18.89 7.48 -1.14
C GLY A 600 19.41 6.14 -1.65
N CYS A 601 20.65 6.10 -2.12
CA CYS A 601 21.23 4.85 -2.59
C CYS A 601 22.69 4.77 -2.13
N SER A 602 23.09 3.59 -1.65
CA SER A 602 24.41 3.40 -1.04
C SER A 602 25.61 3.66 -1.97
N ASP A 603 25.37 3.70 -3.28
CA ASP A 603 26.43 4.06 -4.26
C ASP A 603 26.94 5.48 -4.07
N SER A 604 26.15 6.33 -3.41
CA SER A 604 26.57 7.70 -3.13
C SER A 604 27.21 7.75 -1.75
N LYS A 605 28.41 8.34 -1.65
CA LYS A 605 29.05 8.52 -0.34
C LYS A 605 28.16 9.28 0.64
N GLN A 606 27.51 10.34 0.17
CA GLN A 606 26.67 11.14 1.07
C GLN A 606 25.52 10.28 1.60
N HIS A 607 24.90 9.51 0.71
CA HIS A 607 23.71 8.72 1.09
C HIS A 607 24.12 7.57 1.99
N PHE A 608 25.25 6.94 1.67
CA PHE A 608 25.76 5.86 2.51
C PHE A 608 25.85 6.33 3.95
N GLU A 609 26.34 7.57 4.14
CA GLU A 609 26.48 8.04 5.51
C GLU A 609 25.17 8.24 6.29
N TRP A 610 24.06 8.53 5.58
CA TRP A 610 22.73 8.52 6.23
C TRP A 610 22.32 7.09 6.51
N LEU A 611 22.46 6.25 5.48
CA LEU A 611 21.84 4.91 5.52
C LEU A 611 22.46 4.03 6.59
N ILE A 612 23.78 4.10 6.70
CA ILE A 612 24.49 3.20 7.62
C ILE A 612 24.11 3.43 9.09
N LYS A 613 23.60 4.63 9.39
CA LYS A 613 23.25 4.97 10.76
C LYS A 613 21.98 4.30 11.26
N TYR A 614 21.08 3.95 10.33
CA TYR A 614 19.80 3.37 10.74
C TYR A 614 19.46 2.04 10.10
N SER A 615 20.19 1.65 9.07
CA SER A 615 19.90 0.35 8.41
C SER A 615 19.72 -0.77 9.44
N PRO A 616 18.56 -1.41 9.55
CA PRO A 616 18.37 -2.41 10.64
C PRO A 616 19.44 -3.49 10.62
N LEU A 617 19.79 -3.97 9.42
CA LEU A 617 20.73 -5.10 9.30
C LEU A 617 22.10 -4.73 9.89
N HIS A 618 22.43 -3.44 9.91
CA HIS A 618 23.76 -3.00 10.28
C HIS A 618 23.83 -2.31 11.63
N ASN A 619 22.76 -2.43 12.42
CA ASN A 619 22.71 -1.73 13.71
C ASN A 619 22.18 -2.62 14.83
N VAL A 620 22.27 -3.93 14.66
CA VAL A 620 21.97 -4.84 15.75
C VAL A 620 23.13 -4.80 16.72
N LYS A 621 22.84 -4.45 17.97
CA LYS A 621 23.89 -4.31 18.97
C LYS A 621 23.30 -4.65 20.32
N LEU A 622 24.03 -5.46 21.10
CA LEU A 622 23.61 -5.74 22.47
C LEU A 622 23.44 -4.44 23.21
N PRO A 623 22.32 -4.26 23.92
CA PRO A 623 22.19 -3.06 24.77
C PRO A 623 23.32 -3.05 25.82
N GLU A 624 23.87 -1.86 26.07
CA GLU A 624 24.94 -1.71 27.06
C GLU A 624 24.53 -2.14 28.47
N ALA A 625 23.36 -1.70 28.90
CA ALA A 625 22.92 -1.88 30.28
C ALA A 625 22.54 -3.32 30.55
N ASP A 626 23.01 -3.86 31.67
CA ASP A 626 22.70 -5.25 32.03
C ASP A 626 21.20 -5.52 32.17
N ASP A 627 20.42 -4.51 32.52
CA ASP A 627 18.99 -4.70 32.75
C ASP A 627 18.13 -4.48 31.49
N ILE A 628 18.79 -4.25 30.36
CA ILE A 628 18.05 -4.06 29.09
C ILE A 628 18.37 -5.18 28.11
N GLN A 629 17.33 -5.82 27.57
CA GLN A 629 17.50 -6.74 26.46
C GLN A 629 16.68 -6.25 25.26
N TYR A 630 16.76 -6.94 24.13
CA TYR A 630 15.85 -6.62 23.01
C TYR A 630 14.41 -7.03 23.33
N PRO A 631 13.43 -6.34 22.73
CA PRO A 631 12.04 -6.74 22.83
C PRO A 631 11.85 -8.09 22.16
N SER A 632 10.74 -8.76 22.44
CA SER A 632 10.40 -9.93 21.67
C SER A 632 10.17 -9.44 20.25
N MET A 633 10.69 -10.14 19.25
CA MET A 633 10.48 -9.71 17.86
C MET A 633 9.97 -10.83 17.00
N LEU A 634 9.02 -10.49 16.13
CA LEU A 634 8.54 -11.44 15.13
C LEU A 634 8.58 -10.79 13.77
N LEU A 635 9.33 -11.38 12.83
CA LEU A 635 9.35 -10.89 11.44
C LEU A 635 8.47 -11.79 10.62
N LEU A 636 7.62 -11.20 9.79
CA LEU A 636 6.73 -11.96 8.92
C LEU A 636 7.09 -11.64 7.49
N THR A 637 7.35 -12.68 6.70
CA THR A 637 7.54 -12.50 5.28
C THR A 637 7.01 -13.70 4.53
N ALA A 638 7.21 -13.73 3.22
CA ALA A 638 6.65 -14.83 2.41
C ALA A 638 7.50 -15.05 1.18
N ASP A 639 7.47 -16.29 0.64
CA ASP A 639 8.47 -16.65 -0.35
C ASP A 639 8.19 -16.10 -1.76
N HIS A 640 7.01 -15.52 -1.98
CA HIS A 640 6.78 -14.83 -3.26
C HIS A 640 6.62 -13.31 -3.05
N ASP A 641 7.18 -12.77 -1.96
CA ASP A 641 7.21 -11.32 -1.82
C ASP A 641 8.30 -10.75 -2.71
N ASP A 642 7.91 -10.44 -3.94
CA ASP A 642 8.83 -9.84 -4.90
C ASP A 642 8.79 -8.32 -4.87
N ARG A 643 7.98 -7.77 -3.94
CA ARG A 643 8.05 -6.32 -3.75
C ARG A 643 9.27 -6.03 -2.85
N VAL A 644 9.30 -6.67 -1.67
CA VAL A 644 10.44 -6.53 -0.73
C VAL A 644 10.98 -7.94 -0.59
N VAL A 645 12.03 -8.23 -1.35
CA VAL A 645 12.50 -9.65 -1.41
C VAL A 645 12.80 -10.20 0.00
N PRO A 646 12.42 -11.46 0.30
CA PRO A 646 12.49 -11.92 1.69
C PRO A 646 13.89 -12.00 2.28
N LEU A 647 14.92 -12.01 1.42
CA LEU A 647 16.29 -11.97 1.97
C LEU A 647 16.47 -10.86 3.01
N HIS A 648 15.72 -9.77 2.90
CA HIS A 648 15.83 -8.69 3.91
C HIS A 648 15.57 -9.21 5.31
N SER A 649 14.47 -9.96 5.45
CA SER A 649 14.09 -10.51 6.76
C SER A 649 14.95 -11.71 7.14
N LEU A 650 15.34 -12.51 6.14
CA LEU A 650 16.24 -13.64 6.43
C LEU A 650 17.57 -13.19 7.03
N LYS A 651 18.22 -12.22 6.39
CA LYS A 651 19.53 -11.77 6.89
C LYS A 651 19.36 -11.07 8.23
N PHE A 652 18.28 -10.29 8.40
CA PHE A 652 18.04 -9.61 9.68
C PHE A 652 17.84 -10.60 10.83
N ILE A 653 17.03 -11.64 10.62
CA ILE A 653 16.79 -12.57 11.76
C ILE A 653 18.06 -13.37 12.11
N ALA A 654 18.82 -13.75 11.09
CA ALA A 654 20.09 -14.44 11.35
C ALA A 654 20.98 -13.55 12.23
N THR A 655 21.03 -12.26 11.90
CA THR A 655 21.85 -11.32 12.65
C THR A 655 21.34 -11.11 14.08
N LEU A 656 20.03 -10.91 14.21
CA LEU A 656 19.44 -10.83 15.56
C LEU A 656 19.75 -12.03 16.44
N GLN A 657 19.50 -13.23 15.91
CA GLN A 657 19.74 -14.45 16.70
C GLN A 657 21.20 -14.63 17.08
N TYR A 658 22.11 -14.17 16.22
CA TYR A 658 23.52 -14.38 16.52
C TYR A 658 24.04 -13.34 17.53
N ILE A 659 23.79 -12.07 17.24
CA ILE A 659 24.37 -10.99 18.06
C ILE A 659 23.64 -10.86 19.39
N VAL A 660 22.30 -10.96 19.36
CA VAL A 660 21.48 -10.76 20.56
C VAL A 660 20.96 -12.08 21.15
N GLY A 661 20.51 -12.97 20.30
CA GLY A 661 19.90 -14.22 20.78
C GLY A 661 20.84 -15.11 21.58
N ARG A 662 22.13 -15.04 21.29
CA ARG A 662 23.13 -15.82 22.03
C ARG A 662 23.41 -15.29 23.43
N SER A 663 23.06 -14.04 23.71
CA SER A 663 23.40 -13.46 25.01
C SER A 663 22.59 -14.07 26.15
N ARG A 664 23.23 -14.30 27.31
CA ARG A 664 22.49 -14.92 28.41
C ARG A 664 21.31 -14.06 28.90
N LYS A 665 21.44 -12.74 28.81
CA LYS A 665 20.37 -11.86 29.28
C LYS A 665 19.15 -11.81 28.36
N GLN A 666 19.28 -12.34 27.16
CA GLN A 666 18.17 -12.24 26.21
C GLN A 666 17.22 -13.41 26.43
N ASN A 667 16.05 -13.14 27.01
CA ASN A 667 15.06 -14.21 27.17
C ASN A 667 13.86 -14.00 26.27
N ASN A 668 13.70 -12.79 25.72
CA ASN A 668 12.62 -12.57 24.75
C ASN A 668 12.97 -13.21 23.40
N PRO A 669 12.00 -13.88 22.77
CA PRO A 669 12.27 -14.60 21.52
C PRO A 669 12.45 -13.65 20.34
N LEU A 670 13.26 -14.08 19.37
CA LEU A 670 13.53 -13.36 18.13
C LEU A 670 13.24 -14.33 17.00
N LEU A 671 12.06 -14.19 16.37
CA LEU A 671 11.57 -15.25 15.46
C LEU A 671 11.18 -14.71 14.10
N ILE A 672 11.22 -15.57 13.07
CA ILE A 672 10.68 -15.24 11.73
C ILE A 672 9.69 -16.31 11.30
N HIS A 673 8.66 -15.90 10.56
CA HIS A 673 7.79 -16.91 9.94
C HIS A 673 7.77 -16.53 8.47
N VAL A 674 8.13 -17.50 7.63
CA VAL A 674 8.11 -17.32 6.18
C VAL A 674 6.95 -18.14 5.59
N ASP A 675 5.93 -17.45 5.07
CA ASP A 675 4.76 -18.16 4.51
C ASP A 675 5.03 -18.62 3.08
N THR A 676 4.22 -19.57 2.59
CA THR A 676 4.31 -20.05 1.22
C THR A 676 3.11 -19.53 0.44
N LYS A 677 3.29 -19.46 -0.88
CA LYS A 677 2.22 -19.06 -1.81
C LYS A 677 1.61 -17.71 -1.42
N ALA A 678 2.47 -16.83 -0.91
CA ALA A 678 2.03 -15.48 -0.57
C ALA A 678 3.16 -14.51 -0.87
N GLY A 679 2.83 -13.23 -0.88
CA GLY A 679 3.78 -12.19 -1.27
C GLY A 679 3.70 -11.01 -0.33
N HIS A 680 3.79 -9.81 -0.89
CA HIS A 680 3.91 -8.62 -0.04
C HIS A 680 2.66 -8.34 0.76
N GLY A 681 1.50 -8.79 0.23
CA GLY A 681 0.23 -8.64 0.95
C GLY A 681 -0.99 -8.45 0.09
N ALA A 682 -0.85 -7.73 -1.03
CA ALA A 682 -2.01 -7.45 -1.88
C ALA A 682 -2.57 -8.75 -2.36
N GLY A 683 -3.88 -8.91 -2.31
CA GLY A 683 -4.49 -10.11 -2.84
C GLY A 683 -4.41 -11.33 -1.93
N LYS A 684 -3.92 -11.16 -0.70
CA LYS A 684 -3.83 -12.32 0.20
C LYS A 684 -5.24 -12.86 0.50
N PRO A 685 -5.45 -14.18 0.38
CA PRO A 685 -6.77 -14.77 0.68
C PRO A 685 -7.17 -14.64 2.14
N THR A 686 -8.47 -14.54 2.36
CA THR A 686 -9.02 -14.48 3.72
C THR A 686 -8.42 -15.52 4.68
N ALA A 687 -8.27 -16.76 4.21
CA ALA A 687 -7.76 -17.82 5.08
C ALA A 687 -6.39 -17.44 5.62
N LYS A 688 -5.54 -16.88 4.76
CA LYS A 688 -4.19 -16.51 5.17
C LYS A 688 -4.20 -15.26 6.06
N VAL A 689 -5.10 -14.33 5.79
CA VAL A 689 -5.23 -13.13 6.62
C VAL A 689 -5.59 -13.53 8.06
N ILE A 690 -6.53 -14.44 8.19
CA ILE A 690 -6.91 -14.94 9.51
C ILE A 690 -5.74 -15.62 10.24
N GLU A 691 -4.99 -16.46 9.53
CA GLU A 691 -3.86 -17.13 10.16
C GLU A 691 -2.82 -16.10 10.62
N GLU A 692 -2.61 -15.08 9.80
CA GLU A 692 -1.58 -14.07 10.05
C GLU A 692 -1.92 -13.25 11.30
N VAL A 693 -3.16 -12.75 11.38
CA VAL A 693 -3.52 -11.94 12.56
C VAL A 693 -3.52 -12.81 13.83
N SER A 694 -3.91 -14.07 13.68
CA SER A 694 -3.89 -15.00 14.82
C SER A 694 -2.47 -15.22 15.33
N ASP A 695 -1.52 -15.38 14.42
CA ASP A 695 -0.10 -15.48 14.77
C ASP A 695 0.36 -14.22 15.47
N MET A 696 0.06 -13.05 14.90
CA MET A 696 0.51 -11.78 15.49
C MET A 696 0.03 -11.60 16.93
N PHE A 697 -1.27 -11.76 17.15
CA PHE A 697 -1.81 -11.49 18.49
C PHE A 697 -1.49 -12.61 19.48
N ALA A 698 -1.30 -13.83 18.98
CA ALA A 698 -0.84 -14.91 19.86
C ALA A 698 0.58 -14.61 20.32
N PHE A 699 1.39 -14.08 19.41
CA PHE A 699 2.76 -13.74 19.75
C PHE A 699 2.77 -12.68 20.87
N ILE A 700 1.97 -11.62 20.68
CA ILE A 700 1.87 -10.55 21.66
C ILE A 700 1.40 -11.12 22.99
N ALA A 701 0.33 -11.91 22.95
CA ALA A 701 -0.25 -12.45 24.19
C ALA A 701 0.75 -13.32 24.95
N ARG A 702 1.47 -14.18 24.23
CA ARG A 702 2.41 -15.07 24.90
C ARG A 702 3.58 -14.31 25.49
N CYS A 703 4.13 -13.38 24.70
CA CYS A 703 5.33 -12.64 25.14
C CYS A 703 5.03 -11.71 26.31
N LEU A 704 3.84 -11.10 26.30
CA LEU A 704 3.46 -10.17 27.33
C LEU A 704 2.57 -10.82 28.42
N ASN A 705 2.35 -12.14 28.31
CA ASN A 705 1.46 -12.90 29.23
C ASN A 705 0.10 -12.22 29.47
N ILE A 706 -0.62 -11.96 28.38
CA ILE A 706 -1.91 -11.30 28.47
C ILE A 706 -2.99 -12.37 28.52
N ASP A 707 -3.87 -12.27 29.51
CA ASP A 707 -5.02 -13.16 29.63
C ASP A 707 -6.09 -12.78 28.61
N TRP A 708 -6.72 -13.78 28.00
CA TRP A 708 -7.89 -13.53 27.16
C TRP A 708 -9.06 -13.04 28.01
N ILE A 709 -9.78 -12.05 27.50
CA ILE A 709 -10.99 -11.55 28.16
C ILE A 709 -12.19 -11.97 27.30
N PRO A 710 -12.91 -13.05 27.67
CA PRO A 710 -13.95 -13.56 26.76
C PRO A 710 -15.09 -12.57 26.55
C1 GOL B . 9.23 7.27 -27.53
O1 GOL B . 9.43 5.88 -27.52
C2 GOL B . 10.54 7.97 -27.19
O2 GOL B . 10.84 7.78 -25.81
C3 GOL B . 10.36 9.45 -27.50
O3 GOL B . 11.56 10.08 -27.15
C1 GOL C . 9.93 13.54 22.65
O1 GOL C . 10.31 12.18 22.39
C2 GOL C . 9.89 13.77 24.14
O2 GOL C . 8.85 12.98 24.68
C3 GOL C . 9.65 15.25 24.48
O3 GOL C . 10.27 16.11 23.54
C1 GOL D . 12.81 -5.05 26.04
O1 GOL D . 11.50 -5.64 25.92
C2 GOL D . 12.77 -4.10 27.22
O2 GOL D . 11.97 -2.96 26.89
C3 GOL D . 14.18 -3.74 27.69
O3 GOL D . 14.69 -4.83 28.42
C1 GOL E . -1.17 21.63 14.19
O1 GOL E . -0.24 21.18 15.16
C2 GOL E . -2.45 20.80 14.29
O2 GOL E . -3.02 20.66 13.01
C3 GOL E . -3.41 21.43 15.28
O3 GOL E . -4.74 21.30 14.84
C1 GOL F . 4.87 -0.62 0.94
O1 GOL F . 4.07 -1.74 0.70
C2 GOL F . 6.32 -1.06 1.10
O2 GOL F . 6.98 0.08 1.61
C3 GOL F . 7.02 -1.23 -0.24
O3 GOL F . 8.26 -0.55 -0.11
#